data_9GKY
#
_entry.id   9GKY
#
_cell.length_a   51.11
_cell.length_b   51.15
_cell.length_c   108.82
_cell.angle_alpha   90
_cell.angle_beta   102.22
_cell.angle_gamma   90
#
_symmetry.space_group_name_H-M   'P 1 21 1'
#
loop_
_entity.id
_entity.type
_entity.pdbx_description
1 polymer 'Histone deacetylase'
2 non-polymer 'DECANOIC ACID'
3 non-polymer IMIDAZOLE
4 non-polymer 'ZINC ION'
5 non-polymer 'POTASSIUM ION'
6 non-polymer 'SODIUM ION'
7 water water
#
_entity_poly.entity_id   1
_entity_poly.type   'polypeptide(L)'
_entity_poly.pdbx_seq_one_letter_code
;MAHHHHHHVGTMIPLIYHPIYSQLDLPVGHRYPINKYRLLYEEIVRQREQSEAWQASFEFHTPIAAELSRITPLHDPDYV
QALLEGRLPAAKMRRIGFPWSKTLIERTLHSVGGTCLTVEQALQSGVAIHLSGGYHHAHADFGSGFCLFNDLAIAAHFAL
SLPSVDKVLIIDSDVHHGDGTATLCAERDDIITLSFHCDKNFPARKPASSMDVGFANQTGDEEFLSTFIQVVEMAVNLHR
PDLILYDAGVDIHNDDELGYLSISQAAIAQRDRFMLGLAKQESIPIACVIGGGYREDHAALVPLHLELLKAALLSAGY
;
_entity_poly.pdbx_strand_id   A,B
#
# COMPACT_ATOMS: atom_id res chain seq x y z
N HIS A 5 -38.52 7.83 3.12
CA HIS A 5 -37.46 6.92 2.63
C HIS A 5 -37.90 6.38 1.26
N HIS A 6 -38.95 5.51 1.29
CA HIS A 6 -39.68 5.10 0.09
C HIS A 6 -40.51 6.24 -0.47
N HIS A 7 -40.76 7.27 0.36
CA HIS A 7 -41.49 8.48 -0.03
C HIS A 7 -40.65 9.34 -0.97
N HIS A 8 -39.31 9.16 -0.94
CA HIS A 8 -38.39 10.00 -1.71
C HIS A 8 -38.10 9.33 -3.05
N VAL A 9 -38.20 10.10 -4.14
CA VAL A 9 -37.80 9.64 -5.46
C VAL A 9 -36.39 10.15 -5.72
N GLY A 10 -35.44 9.20 -5.68
CA GLY A 10 -34.04 9.55 -5.49
C GLY A 10 -33.66 9.37 -4.02
N THR A 11 -32.48 9.85 -3.67
CA THR A 11 -31.96 9.62 -2.33
C THR A 11 -31.84 10.97 -1.60
N MET A 12 -32.33 10.97 -0.35
CA MET A 12 -32.09 12.06 0.58
C MET A 12 -30.68 11.87 1.16
N ILE A 13 -29.93 12.96 1.35
CA ILE A 13 -28.56 12.88 1.82
CA ILE A 13 -28.59 12.82 1.85
C ILE A 13 -28.47 13.49 3.22
N PRO A 14 -28.44 12.72 4.31
CA PRO A 14 -28.18 13.31 5.62
C PRO A 14 -26.82 13.97 5.72
N LEU A 15 -26.79 15.15 6.34
CA LEU A 15 -25.59 15.91 6.67
C LEU A 15 -25.54 16.03 8.19
N ILE A 16 -24.49 15.53 8.81
CA ILE A 16 -24.38 15.53 10.26
C ILE A 16 -23.45 16.68 10.64
N TYR A 17 -24.00 17.58 11.47
CA TYR A 17 -23.32 18.81 11.87
C TYR A 17 -23.71 19.18 13.29
N HIS A 18 -22.77 19.75 14.03
CA HIS A 18 -23.04 20.30 15.34
C HIS A 18 -22.36 21.65 15.42
N PRO A 19 -23.05 22.66 16.02
CA PRO A 19 -22.43 23.96 16.15
C PRO A 19 -21.15 24.02 16.95
N ILE A 20 -20.90 23.01 17.84
CA ILE A 20 -19.67 23.02 18.60
C ILE A 20 -18.43 22.81 17.74
N TYR A 21 -18.61 22.32 16.49
CA TYR A 21 -17.45 21.98 15.67
C TYR A 21 -16.47 23.14 15.51
N SER A 22 -16.95 24.37 15.37
CA SER A 22 -16.08 25.53 15.24
C SER A 22 -16.07 26.45 16.46
N GLN A 23 -16.68 26.01 17.57
CA GLN A 23 -16.76 26.83 18.76
C GLN A 23 -15.47 26.91 19.55
N LEU A 24 -14.53 26.05 19.31
CA LEU A 24 -13.25 26.04 19.97
C LEU A 24 -12.46 27.27 19.61
N ASP A 25 -12.02 27.95 20.67
CA ASP A 25 -11.24 29.16 20.54
C ASP A 25 -9.75 28.81 20.45
N LEU A 26 -9.11 29.14 19.32
CA LEU A 26 -7.68 28.91 19.17
C LEU A 26 -7.05 30.27 18.97
N PRO A 27 -5.78 30.40 19.35
CA PRO A 27 -5.07 31.63 19.05
C PRO A 27 -4.99 31.93 17.55
N VAL A 28 -4.97 33.22 17.26
CA VAL A 28 -4.63 33.64 15.90
C VAL A 28 -3.27 33.02 15.59
N GLY A 29 -3.13 32.51 14.36
CA GLY A 29 -1.90 31.89 13.95
C GLY A 29 -1.84 30.39 14.28
N HIS A 30 -2.85 29.83 14.96
CA HIS A 30 -2.85 28.39 15.18
C HIS A 30 -2.93 27.72 13.81
N ARG A 31 -2.25 26.59 13.66
CA ARG A 31 -2.27 25.87 12.41
C ARG A 31 -3.63 25.29 12.01
N TYR A 32 -4.51 25.04 12.98
N TYR A 32 -4.49 24.89 12.97
CA TYR A 32 -5.69 24.24 12.65
CA TYR A 32 -5.74 24.16 12.68
C TYR A 32 -6.84 25.16 12.21
C TYR A 32 -6.79 25.15 12.18
N PRO A 33 -7.44 24.91 11.01
CA PRO A 33 -8.48 25.84 10.49
C PRO A 33 -9.86 25.59 11.10
N ILE A 34 -9.93 25.90 12.41
CA ILE A 34 -11.10 25.56 13.20
C ILE A 34 -12.42 26.10 12.65
N ASN A 35 -12.41 27.25 11.99
CA ASN A 35 -13.67 27.85 11.54
C ASN A 35 -14.18 27.23 10.25
N LYS A 36 -13.46 26.27 9.64
CA LYS A 36 -13.93 25.74 8.37
C LYS A 36 -15.27 25.05 8.50
N TYR A 37 -15.57 24.45 9.67
CA TYR A 37 -16.79 23.68 9.78
C TYR A 37 -18.00 24.60 9.73
N ARG A 38 -17.98 25.65 10.52
CA ARG A 38 -19.06 26.63 10.49
CA ARG A 38 -19.04 26.66 10.49
C ARG A 38 -19.14 27.27 9.10
N LEU A 39 -18.00 27.61 8.51
CA LEU A 39 -18.03 28.27 7.19
C LEU A 39 -18.63 27.36 6.12
N LEU A 40 -18.32 26.08 6.19
CA LEU A 40 -18.86 25.13 5.25
C LEU A 40 -20.39 25.00 5.45
N TYR A 41 -20.78 24.85 6.71
CA TYR A 41 -22.19 24.81 7.08
C TYR A 41 -22.90 26.01 6.45
N GLU A 42 -22.37 27.23 6.73
CA GLU A 42 -23.05 28.43 6.29
C GLU A 42 -23.17 28.49 4.77
N GLU A 43 -22.16 27.98 4.05
CA GLU A 43 -22.24 27.89 2.59
C GLU A 43 -23.35 26.96 2.16
N ILE A 44 -23.44 25.79 2.82
CA ILE A 44 -24.51 24.85 2.47
C ILE A 44 -25.89 25.47 2.72
N VAL A 45 -26.03 26.18 3.82
CA VAL A 45 -27.32 26.85 4.14
C VAL A 45 -27.64 27.79 2.97
N ARG A 46 -26.69 28.59 2.48
CA ARG A 46 -26.93 29.51 1.37
C ARG A 46 -27.29 28.69 0.14
N GLN A 47 -26.61 27.59 -0.13
CA GLN A 47 -26.93 26.79 -1.31
C GLN A 47 -28.38 26.30 -1.23
N ARG A 48 -28.82 25.81 -0.06
CA ARG A 48 -30.19 25.32 0.14
C ARG A 48 -31.21 26.43 -0.04
N GLU A 49 -30.91 27.66 0.38
CA GLU A 49 -31.86 28.75 0.25
C GLU A 49 -32.01 29.10 -1.23
N GLN A 50 -30.96 28.96 -2.03
CA GLN A 50 -30.92 29.44 -3.43
C GLN A 50 -31.25 28.36 -4.45
N SER A 51 -31.34 27.09 -4.05
CA SER A 51 -31.59 26.02 -5.00
C SER A 51 -32.62 25.06 -4.45
N GLU A 52 -33.67 24.79 -5.23
CA GLU A 52 -34.62 23.75 -4.83
C GLU A 52 -33.99 22.37 -4.77
N ALA A 53 -33.04 22.06 -5.67
CA ALA A 53 -32.37 20.77 -5.67
C ALA A 53 -31.59 20.56 -4.36
N TRP A 54 -30.87 21.60 -3.90
CA TRP A 54 -30.10 21.51 -2.65
C TRP A 54 -31.05 21.39 -1.49
N GLN A 55 -32.15 22.12 -1.53
CA GLN A 55 -33.10 22.06 -0.44
C GLN A 55 -33.72 20.68 -0.32
N ALA A 56 -34.09 20.09 -1.47
CA ALA A 56 -34.79 18.83 -1.48
C ALA A 56 -33.90 17.62 -1.17
N SER A 57 -32.60 17.72 -1.46
CA SER A 57 -31.71 16.56 -1.46
C SER A 57 -30.87 16.40 -0.20
N PHE A 58 -30.80 17.42 0.65
CA PHE A 58 -30.00 17.36 1.86
C PHE A 58 -30.87 17.66 3.07
N GLU A 59 -30.55 17.07 4.24
CA GLU A 59 -31.22 17.39 5.49
CA GLU A 59 -31.25 17.28 5.51
C GLU A 59 -30.20 17.28 6.61
N PHE A 60 -30.26 18.22 7.56
CA PHE A 60 -29.32 18.26 8.67
C PHE A 60 -29.80 17.38 9.83
N HIS A 61 -28.79 16.75 10.45
CA HIS A 61 -28.92 15.93 11.66
C HIS A 61 -27.94 16.40 12.68
N THR A 62 -28.35 16.44 13.93
CA THR A 62 -27.52 16.89 15.04
C THR A 62 -27.13 15.69 15.90
N PRO A 63 -25.83 15.45 16.09
CA PRO A 63 -25.44 14.31 16.93
C PRO A 63 -25.43 14.65 18.40
N ILE A 64 -25.51 13.59 19.24
CA ILE A 64 -25.31 13.60 20.68
CA ILE A 64 -25.22 13.78 20.64
C ILE A 64 -23.86 13.18 20.96
N ALA A 65 -23.30 13.64 22.06
CA ALA A 65 -21.94 13.26 22.43
C ALA A 65 -21.87 11.76 22.65
N ALA A 66 -20.78 11.15 22.10
CA ALA A 66 -20.50 9.74 22.29
C ALA A 66 -20.30 9.43 23.78
N GLU A 67 -20.87 8.31 24.20
CA GLU A 67 -20.61 7.82 25.53
C GLU A 67 -19.23 7.15 25.63
N LEU A 68 -18.66 7.10 26.82
CA LEU A 68 -17.31 6.51 27.00
C LEU A 68 -17.24 5.07 26.53
N SER A 69 -18.30 4.30 26.69
CA SER A 69 -18.35 2.92 26.23
C SER A 69 -18.17 2.78 24.74
N ARG A 70 -18.36 3.86 23.97
CA ARG A 70 -18.12 3.84 22.55
C ARG A 70 -16.64 3.94 22.19
N ILE A 71 -15.88 4.56 23.10
CA ILE A 71 -14.51 4.96 22.88
C ILE A 71 -13.51 4.00 23.48
N THR A 72 -13.80 3.43 24.68
CA THR A 72 -12.84 2.50 25.31
C THR A 72 -12.66 1.13 24.60
N PRO A 73 -13.51 0.62 23.68
CA PRO A 73 -13.18 -0.60 22.92
C PRO A 73 -11.98 -0.37 22.01
N LEU A 74 -11.70 0.89 21.67
CA LEU A 74 -10.59 1.23 20.80
C LEU A 74 -9.44 1.83 21.62
N HIS A 75 -9.72 2.76 22.53
CA HIS A 75 -8.71 3.58 23.19
C HIS A 75 -8.50 3.13 24.64
N ASP A 76 -7.24 3.19 25.05
CA ASP A 76 -6.84 2.82 26.39
C ASP A 76 -7.64 3.64 27.39
N PRO A 77 -8.31 3.02 28.39
CA PRO A 77 -9.05 3.80 29.37
C PRO A 77 -8.22 4.84 30.12
N ASP A 78 -6.92 4.57 30.38
CA ASP A 78 -6.12 5.54 31.10
C ASP A 78 -5.83 6.79 30.25
N TYR A 79 -5.67 6.57 28.96
CA TYR A 79 -5.49 7.70 28.04
C TYR A 79 -6.77 8.53 27.98
N VAL A 80 -7.87 7.84 27.80
CA VAL A 80 -9.17 8.49 27.72
C VAL A 80 -9.40 9.31 28.98
N GLN A 81 -9.17 8.72 30.14
CA GLN A 81 -9.48 9.39 31.39
CA GLN A 81 -9.44 9.36 31.43
C GLN A 81 -8.56 10.60 31.59
N ALA A 82 -7.28 10.49 31.21
CA ALA A 82 -6.37 11.63 31.33
C ALA A 82 -6.88 12.84 30.53
N LEU A 83 -7.39 12.58 29.32
CA LEU A 83 -7.98 13.62 28.48
C LEU A 83 -9.28 14.15 29.06
N LEU A 84 -10.15 13.28 29.59
CA LEU A 84 -11.38 13.74 30.20
C LEU A 84 -11.12 14.65 31.39
N GLU A 85 -10.09 14.33 32.18
CA GLU A 85 -9.82 15.03 33.43
C GLU A 85 -8.90 16.24 33.23
N GLY A 86 -8.32 16.43 32.05
CA GLY A 86 -7.40 17.53 31.85
C GLY A 86 -6.05 17.32 32.55
N ARG A 87 -5.58 16.07 32.59
CA ARG A 87 -4.30 15.77 33.18
C ARG A 87 -3.41 14.93 32.26
N LEU A 88 -3.62 15.06 30.94
CA LEU A 88 -2.68 14.40 30.04
C LEU A 88 -1.36 15.14 30.16
N PRO A 89 -0.20 14.46 30.21
CA PRO A 89 1.08 15.17 30.33
C PRO A 89 1.24 16.19 29.22
N ALA A 90 1.87 17.30 29.58
CA ALA A 90 1.98 18.44 28.72
C ALA A 90 2.66 18.11 27.38
N ALA A 91 3.70 17.26 27.40
CA ALA A 91 4.41 16.95 26.17
C ALA A 91 3.53 16.15 25.23
N LYS A 92 2.64 15.31 25.79
CA LYS A 92 1.70 14.53 25.00
C LYS A 92 0.56 15.37 24.47
N MET A 93 0.10 16.34 25.28
CA MET A 93 -0.94 17.26 24.78
C MET A 93 -0.40 18.15 23.67
N ARG A 94 0.88 18.54 23.74
CA ARG A 94 1.50 19.36 22.71
C ARG A 94 1.66 18.55 21.43
N ARG A 95 1.94 17.24 21.55
CA ARG A 95 1.99 16.38 20.36
C ARG A 95 0.63 16.34 19.67
N ILE A 96 -0.49 16.38 20.42
CA ILE A 96 -1.81 16.48 19.81
C ILE A 96 -1.93 17.81 19.07
N GLY A 97 -1.47 18.90 19.66
CA GLY A 97 -1.35 20.17 18.95
C GLY A 97 -2.44 21.16 19.32
N PHE A 98 -3.23 20.91 20.37
CA PHE A 98 -4.18 21.88 20.91
C PHE A 98 -3.89 22.12 22.37
N PRO A 99 -4.24 23.30 22.92
CA PRO A 99 -4.32 23.44 24.35
C PRO A 99 -5.45 22.56 24.85
N TRP A 100 -5.31 22.02 26.06
CA TRP A 100 -6.41 21.26 26.61
C TRP A 100 -7.49 22.24 27.05
N SER A 101 -8.76 21.89 26.85
CA SER A 101 -9.88 22.58 27.46
C SER A 101 -11.06 21.63 27.56
N LYS A 102 -12.05 21.99 28.38
CA LYS A 102 -13.28 21.24 28.41
C LYS A 102 -13.98 21.30 27.06
N THR A 103 -13.95 22.46 26.38
CA THR A 103 -14.61 22.58 25.10
C THR A 103 -13.96 21.65 24.07
N LEU A 104 -12.62 21.49 24.11
CA LEU A 104 -11.98 20.55 23.20
C LEU A 104 -12.58 19.14 23.38
N ILE A 105 -12.64 18.69 24.59
CA ILE A 105 -13.17 17.37 24.90
C ILE A 105 -14.63 17.25 24.45
N GLU A 106 -15.44 18.25 24.78
N GLU A 106 -15.46 18.23 24.74
CA GLU A 106 -16.84 18.28 24.40
CA GLU A 106 -16.86 18.16 24.34
C GLU A 106 -16.94 18.16 22.89
C GLU A 106 -16.96 18.16 22.82
N ARG A 107 -16.15 18.94 22.15
CA ARG A 107 -16.21 18.90 20.72
CA ARG A 107 -16.17 18.93 20.71
C ARG A 107 -15.85 17.53 20.17
N THR A 108 -14.77 16.95 20.72
CA THR A 108 -14.32 15.65 20.25
C THR A 108 -15.40 14.60 20.48
N LEU A 109 -16.01 14.59 21.68
CA LEU A 109 -17.05 13.61 21.95
C LEU A 109 -18.24 13.74 21.02
N HIS A 110 -18.66 15.01 20.72
CA HIS A 110 -19.75 15.21 19.79
C HIS A 110 -19.39 14.73 18.40
N SER A 111 -18.17 15.02 17.95
CA SER A 111 -17.76 14.63 16.61
C SER A 111 -17.65 13.12 16.48
N VAL A 112 -17.10 12.44 17.48
CA VAL A 112 -17.13 10.99 17.44
C VAL A 112 -18.59 10.49 17.34
N GLY A 113 -19.49 11.10 18.14
CA GLY A 113 -20.89 10.79 18.07
C GLY A 113 -21.41 11.01 16.64
N GLY A 114 -20.98 12.10 16.03
CA GLY A 114 -21.33 12.47 14.68
C GLY A 114 -20.88 11.46 13.63
N THR A 115 -19.65 10.94 13.70
CA THR A 115 -19.27 9.95 12.71
C THR A 115 -20.12 8.67 12.86
N CYS A 116 -20.41 8.27 14.09
CA CYS A 116 -21.29 7.14 14.36
C CYS A 116 -22.70 7.36 13.82
N LEU A 117 -23.24 8.60 14.01
CA LEU A 117 -24.55 8.91 13.45
C LEU A 117 -24.53 8.86 11.93
N THR A 118 -23.43 9.31 11.35
CA THR A 118 -23.27 9.26 9.91
C THR A 118 -23.34 7.81 9.38
N VAL A 119 -22.71 6.89 10.13
CA VAL A 119 -22.85 5.46 9.80
C VAL A 119 -24.30 5.00 9.86
N GLU A 120 -25.03 5.34 10.93
CA GLU A 120 -26.42 4.94 11.07
C GLU A 120 -27.23 5.47 9.87
N GLN A 121 -27.00 6.74 9.54
CA GLN A 121 -27.74 7.35 8.44
C GLN A 121 -27.39 6.80 7.06
N ALA A 122 -26.10 6.50 6.86
CA ALA A 122 -25.68 5.87 5.62
C ALA A 122 -26.31 4.49 5.42
N LEU A 123 -26.44 3.71 6.48
CA LEU A 123 -27.10 2.42 6.42
C LEU A 123 -28.56 2.61 6.00
N GLN A 124 -29.19 3.67 6.46
CA GLN A 124 -30.61 3.86 6.20
C GLN A 124 -30.83 4.42 4.78
N SER A 125 -30.02 5.39 4.34
CA SER A 125 -30.28 6.17 3.15
CA SER A 125 -30.27 6.18 3.15
C SER A 125 -29.36 5.75 2.00
N GLY A 126 -28.23 5.08 2.30
CA GLY A 126 -27.24 4.73 1.29
C GLY A 126 -25.99 5.58 1.37
N VAL A 127 -26.16 6.84 1.77
CA VAL A 127 -25.05 7.79 1.73
CA VAL A 127 -25.09 7.84 1.68
C VAL A 127 -25.35 8.83 2.81
N ALA A 128 -24.34 9.21 3.61
CA ALA A 128 -24.45 10.31 4.56
C ALA A 128 -23.08 10.98 4.69
N ILE A 129 -23.07 12.27 5.02
CA ILE A 129 -21.84 13.06 5.07
C ILE A 129 -21.74 13.70 6.42
N HIS A 130 -20.64 13.51 7.13
CA HIS A 130 -20.29 14.20 8.33
C HIS A 130 -19.48 15.42 7.98
N LEU A 131 -19.89 16.59 8.47
CA LEU A 131 -19.19 17.85 8.23
C LEU A 131 -18.10 18.04 9.28
N SER A 132 -17.39 16.97 9.65
CA SER A 132 -16.18 16.94 10.48
C SER A 132 -15.62 15.52 10.32
N GLY A 133 -14.83 15.08 11.30
CA GLY A 133 -14.33 13.74 11.33
C GLY A 133 -13.04 13.52 10.52
N GLY A 134 -12.56 12.27 10.54
CA GLY A 134 -11.33 11.89 9.93
C GLY A 134 -10.10 12.00 10.80
N TYR A 135 -10.22 11.64 12.07
CA TYR A 135 -9.17 11.86 13.05
CA TYR A 135 -9.13 11.90 13.00
C TYR A 135 -8.23 10.66 13.05
N HIS A 136 -7.53 10.48 11.92
CA HIS A 136 -6.85 9.21 11.64
C HIS A 136 -5.50 9.10 12.32
N HIS A 137 -5.00 10.13 13.01
CA HIS A 137 -3.70 10.08 13.70
C HIS A 137 -3.82 9.73 15.18
N ALA A 138 -5.01 9.38 15.65
CA ALA A 138 -5.15 8.91 17.02
C ALA A 138 -5.00 7.40 17.04
N HIS A 139 -4.16 6.96 17.98
CA HIS A 139 -3.88 5.55 18.22
C HIS A 139 -4.56 5.10 19.50
N ALA A 140 -4.43 3.81 19.87
CA ALA A 140 -5.09 3.31 21.07
C ALA A 140 -4.70 4.14 22.28
N ASP A 141 -3.41 4.43 22.45
CA ASP A 141 -2.96 4.99 23.71
C ASP A 141 -2.31 6.34 23.58
N PHE A 142 -2.43 7.01 22.42
CA PHE A 142 -1.90 8.34 22.30
C PHE A 142 -2.53 9.06 21.13
N GLY A 143 -2.56 10.38 21.23
CA GLY A 143 -3.01 11.26 20.17
C GLY A 143 -1.87 12.01 19.50
N SER A 144 -2.14 12.48 18.28
CA SER A 144 -1.16 13.18 17.52
C SER A 144 -1.88 13.88 16.38
N GLY A 145 -1.21 14.83 15.69
CA GLY A 145 -1.70 15.41 14.46
C GLY A 145 -3.16 15.90 14.54
N PHE A 146 -3.51 16.57 15.66
CA PHE A 146 -4.80 17.19 15.86
C PHE A 146 -5.91 16.19 16.13
N CYS A 147 -5.52 14.94 16.48
CA CYS A 147 -6.41 13.83 16.70
C CYS A 147 -6.30 13.29 18.12
N LEU A 148 -7.44 13.24 18.81
CA LEU A 148 -7.53 12.78 20.17
C LEU A 148 -8.04 11.35 20.19
N PHE A 149 -9.25 11.16 19.64
CA PHE A 149 -9.87 9.86 19.48
C PHE A 149 -10.15 9.62 18.00
N ASN A 150 -10.01 8.37 17.57
CA ASN A 150 -10.07 8.04 16.15
C ASN A 150 -11.51 7.69 15.79
N ASP A 151 -12.25 8.69 15.30
CA ASP A 151 -13.64 8.50 14.92
C ASP A 151 -13.83 7.42 13.87
N LEU A 152 -12.91 7.28 12.92
CA LEU A 152 -13.08 6.28 11.87
C LEU A 152 -13.03 4.87 12.47
N ALA A 153 -12.01 4.60 13.31
CA ALA A 153 -11.93 3.29 13.91
C ALA A 153 -13.09 3.02 14.86
N ILE A 154 -13.49 4.04 15.66
CA ILE A 154 -14.61 3.89 16.56
C ILE A 154 -15.90 3.56 15.79
N ALA A 155 -16.15 4.31 14.70
CA ALA A 155 -17.37 4.12 13.92
C ALA A 155 -17.37 2.76 13.23
N ALA A 156 -16.20 2.32 12.78
CA ALA A 156 -16.13 1.01 12.14
C ALA A 156 -16.44 -0.09 13.13
N HIS A 157 -15.92 0.01 14.34
CA HIS A 157 -16.21 -1.01 15.35
C HIS A 157 -17.68 -0.97 15.71
N PHE A 158 -18.22 0.26 15.89
CA PHE A 158 -19.65 0.40 16.18
C PHE A 158 -20.46 -0.22 15.06
N ALA A 159 -20.10 0.03 13.79
CA ALA A 159 -20.88 -0.49 12.67
C ALA A 159 -20.95 -2.01 12.73
N LEU A 160 -19.85 -2.66 13.11
CA LEU A 160 -19.81 -4.12 13.16
C LEU A 160 -20.74 -4.70 14.22
N SER A 161 -21.17 -3.90 15.18
CA SER A 161 -22.14 -4.35 16.18
C SER A 161 -23.54 -4.40 15.59
N LEU A 162 -23.78 -3.84 14.41
CA LEU A 162 -25.10 -3.80 13.82
C LEU A 162 -25.32 -5.05 12.97
N PRO A 163 -26.59 -5.52 12.90
CA PRO A 163 -26.90 -6.79 12.24
C PRO A 163 -26.48 -6.85 10.78
N SER A 164 -26.64 -5.75 10.02
CA SER A 164 -26.41 -5.79 8.59
C SER A 164 -24.92 -5.73 8.23
N VAL A 165 -24.00 -5.52 9.17
CA VAL A 165 -22.63 -5.15 8.79
C VAL A 165 -21.67 -6.15 9.35
N ASP A 166 -20.96 -6.87 8.46
CA ASP A 166 -19.95 -7.83 8.84
C ASP A 166 -18.54 -7.50 8.37
N LYS A 167 -18.40 -6.51 7.47
CA LYS A 167 -17.09 -6.10 6.97
C LYS A 167 -17.19 -4.61 6.66
N VAL A 168 -16.14 -3.87 7.09
CA VAL A 168 -16.08 -2.44 6.87
C VAL A 168 -14.78 -2.18 6.10
N LEU A 169 -14.85 -1.30 5.09
CA LEU A 169 -13.68 -0.84 4.36
C LEU A 169 -13.54 0.64 4.64
N ILE A 170 -12.38 1.07 5.16
CA ILE A 170 -12.07 2.49 5.40
C ILE A 170 -11.13 2.95 4.29
N ILE A 171 -11.55 3.95 3.52
CA ILE A 171 -10.81 4.48 2.40
C ILE A 171 -10.40 5.89 2.75
N ASP A 172 -9.12 6.11 2.96
CA ASP A 172 -8.62 7.37 3.46
C ASP A 172 -7.82 8.10 2.39
N SER A 173 -8.43 9.16 1.82
CA SER A 173 -7.78 9.90 0.75
CA SER A 173 -7.81 9.93 0.75
C SER A 173 -7.23 11.25 1.23
N ASP A 174 -7.23 11.53 2.52
CA ASP A 174 -6.54 12.68 3.08
C ASP A 174 -5.07 12.51 2.70
N VAL A 175 -4.31 13.61 2.55
CA VAL A 175 -2.93 13.55 2.07
C VAL A 175 -1.99 12.86 3.06
N HIS A 176 -2.38 12.76 4.32
CA HIS A 176 -1.58 12.16 5.38
C HIS A 176 -1.94 10.67 5.53
N HIS A 177 -0.92 9.82 5.77
CA HIS A 177 -1.17 8.42 6.05
C HIS A 177 -2.07 8.25 7.27
N GLY A 178 -3.00 7.31 7.20
CA GLY A 178 -3.90 7.02 8.30
C GLY A 178 -3.27 6.04 9.29
N ASP A 179 -2.27 6.52 10.01
CA ASP A 179 -1.47 5.66 10.87
C ASP A 179 -2.20 5.13 12.07
N GLY A 180 -2.95 6.02 12.76
CA GLY A 180 -3.70 5.57 13.92
C GLY A 180 -4.77 4.55 13.53
N THR A 181 -5.46 4.80 12.39
CA THR A 181 -6.45 3.85 11.95
C THR A 181 -5.78 2.50 11.64
N ALA A 182 -4.59 2.57 11.01
CA ALA A 182 -3.88 1.33 10.66
C ALA A 182 -3.57 0.53 11.90
N THR A 183 -2.99 1.14 12.96
CA THR A 183 -2.66 0.38 14.16
C THR A 183 -3.90 -0.08 14.92
N LEU A 184 -4.94 0.72 14.97
CA LEU A 184 -6.17 0.31 15.64
C LEU A 184 -6.84 -0.89 15.00
N CYS A 185 -6.70 -1.01 13.68
CA CYS A 185 -7.48 -2.00 12.96
C CYS A 185 -6.61 -3.19 12.50
N ALA A 186 -5.31 -3.19 12.84
CA ALA A 186 -4.42 -4.24 12.36
C ALA A 186 -4.87 -5.64 12.76
N GLU A 187 -5.48 -5.80 13.94
CA GLU A 187 -5.81 -7.14 14.41
C GLU A 187 -7.28 -7.50 14.17
N ARG A 188 -8.03 -6.62 13.53
CA ARG A 188 -9.45 -6.79 13.28
CA ARG A 188 -9.44 -6.84 13.29
C ARG A 188 -9.61 -7.24 11.83
N ASP A 189 -9.86 -8.53 11.53
CA ASP A 189 -9.96 -8.99 10.15
C ASP A 189 -11.17 -8.41 9.42
N ASP A 190 -12.16 -7.94 10.18
CA ASP A 190 -13.37 -7.42 9.57
C ASP A 190 -13.33 -5.92 9.31
N ILE A 191 -12.21 -5.28 9.60
CA ILE A 191 -12.02 -3.89 9.21
C ILE A 191 -10.79 -3.79 8.31
N ILE A 192 -11.01 -3.40 7.06
CA ILE A 192 -9.95 -3.26 6.08
C ILE A 192 -9.58 -1.80 5.95
N THR A 193 -8.29 -1.47 6.00
CA THR A 193 -7.82 -0.09 5.89
C THR A 193 -7.07 0.11 4.59
N LEU A 194 -7.46 1.15 3.85
CA LEU A 194 -6.78 1.57 2.65
C LEU A 194 -6.43 3.04 2.80
N SER A 195 -5.16 3.39 2.61
CA SER A 195 -4.73 4.80 2.68
C SER A 195 -3.96 5.14 1.43
N PHE A 196 -4.31 6.30 0.86
CA PHE A 196 -3.54 7.00 -0.15
C PHE A 196 -2.90 8.22 0.51
N HIS A 197 -1.65 8.56 0.21
CA HIS A 197 -1.01 9.65 0.94
C HIS A 197 0.25 10.05 0.22
N CYS A 198 0.71 11.25 0.56
CA CYS A 198 2.03 11.71 0.15
C CYS A 198 3.08 11.18 1.10
N ASP A 199 4.11 10.50 0.54
CA ASP A 199 5.11 9.87 1.36
C ASP A 199 5.83 10.85 2.28
N LYS A 200 6.17 12.04 1.80
CA LYS A 200 7.01 12.94 2.55
C LYS A 200 6.21 13.80 3.52
N ASN A 201 4.90 13.72 3.52
CA ASN A 201 4.10 14.36 4.55
C ASN A 201 4.08 13.52 5.83
N PHE A 202 3.75 14.17 6.94
CA PHE A 202 3.60 13.50 8.24
C PHE A 202 2.64 12.33 8.09
N PRO A 203 2.82 11.23 8.83
CA PRO A 203 3.94 10.94 9.74
C PRO A 203 5.10 10.22 9.06
N ALA A 204 6.30 10.41 9.59
CA ALA A 204 7.47 9.75 9.03
C ALA A 204 7.36 8.24 9.16
N ARG A 205 6.85 7.75 10.28
CA ARG A 205 6.66 6.33 10.51
C ARG A 205 5.21 6.00 10.14
N LYS A 206 5.07 5.05 9.20
CA LYS A 206 3.78 4.66 8.64
C LYS A 206 3.52 3.20 8.91
N PRO A 207 2.95 2.82 10.05
CA PRO A 207 2.53 1.44 10.28
C PRO A 207 1.59 0.99 9.17
N ALA A 208 1.63 -0.30 8.82
CA ALA A 208 0.94 -0.81 7.65
C ALA A 208 -0.57 -0.83 7.83
N SER A 209 -1.22 -0.17 6.87
CA SER A 209 -2.63 -0.40 6.60
C SER A 209 -2.78 -1.76 5.92
N SER A 210 -4.02 -2.22 5.67
CA SER A 210 -4.19 -3.38 4.81
C SER A 210 -3.50 -3.13 3.46
N MET A 211 -3.68 -1.94 2.92
CA MET A 211 -3.01 -1.54 1.69
CA MET A 211 -3.08 -1.52 1.67
C MET A 211 -2.68 -0.06 1.78
N ASP A 212 -1.43 0.28 1.47
CA ASP A 212 -0.92 1.64 1.49
C ASP A 212 -0.39 2.05 0.13
N VAL A 213 -0.81 3.20 -0.36
CA VAL A 213 -0.46 3.71 -1.67
C VAL A 213 0.15 5.08 -1.44
N GLY A 214 1.44 5.18 -1.73
CA GLY A 214 2.15 6.42 -1.49
C GLY A 214 2.48 7.12 -2.79
N PHE A 215 2.47 8.44 -2.71
CA PHE A 215 2.72 9.31 -3.86
C PHE A 215 3.93 10.20 -3.58
N ALA A 216 4.65 10.50 -4.65
CA ALA A 216 5.74 11.47 -4.65
C ALA A 216 5.20 12.89 -4.54
N ASN A 217 6.07 13.79 -4.07
CA ASN A 217 5.74 15.19 -4.02
C ASN A 217 5.39 15.64 -5.43
N GLN A 218 4.42 16.55 -5.52
CA GLN A 218 3.99 17.17 -6.75
C GLN A 218 3.30 16.20 -7.69
N THR A 219 2.82 15.05 -7.19
CA THR A 219 1.95 14.19 -7.97
C THR A 219 0.76 15.02 -8.43
N GLY A 220 0.37 14.83 -9.67
CA GLY A 220 -0.72 15.54 -10.29
C GLY A 220 -1.99 14.73 -10.48
N ASP A 221 -2.93 15.35 -11.16
CA ASP A 221 -4.30 14.85 -11.23
C ASP A 221 -4.38 13.47 -11.89
N GLU A 222 -3.78 13.30 -13.07
CA GLU A 222 -3.98 12.06 -13.79
C GLU A 222 -3.46 10.87 -12.99
N GLU A 223 -2.24 10.99 -12.47
CA GLU A 223 -1.65 9.92 -11.67
C GLU A 223 -2.49 9.60 -10.43
N PHE A 224 -2.86 10.66 -9.72
CA PHE A 224 -3.63 10.48 -8.52
C PHE A 224 -4.97 9.82 -8.82
N LEU A 225 -5.72 10.37 -9.78
CA LEU A 225 -7.07 9.87 -10.08
C LEU A 225 -7.05 8.45 -10.63
N SER A 226 -6.17 8.15 -11.58
CA SER A 226 -6.15 6.81 -12.14
CA SER A 226 -6.11 6.81 -12.14
C SER A 226 -5.85 5.78 -11.04
N THR A 227 -4.92 6.11 -10.18
CA THR A 227 -4.51 5.19 -9.11
C THR A 227 -5.67 5.02 -8.13
N PHE A 228 -6.23 6.16 -7.66
CA PHE A 228 -7.32 6.12 -6.69
C PHE A 228 -8.47 5.28 -7.24
N ILE A 229 -8.93 5.57 -8.45
CA ILE A 229 -10.06 4.89 -9.06
C ILE A 229 -9.81 3.37 -9.11
N GLN A 230 -8.67 2.99 -9.70
CA GLN A 230 -8.43 1.58 -9.96
C GLN A 230 -8.20 0.83 -8.64
N VAL A 231 -7.47 1.42 -7.72
CA VAL A 231 -7.25 0.76 -6.45
C VAL A 231 -8.56 0.58 -5.69
N VAL A 232 -9.35 1.67 -5.61
CA VAL A 232 -10.61 1.57 -4.88
C VAL A 232 -11.53 0.55 -5.51
N GLU A 233 -11.69 0.54 -6.82
CA GLU A 233 -12.57 -0.44 -7.46
CA GLU A 233 -12.57 -0.43 -7.45
C GLU A 233 -12.12 -1.85 -7.07
N MET A 234 -10.81 -2.10 -7.10
CA MET A 234 -10.28 -3.41 -6.77
C MET A 234 -10.58 -3.74 -5.30
N ALA A 235 -10.38 -2.77 -4.40
CA ALA A 235 -10.56 -3.06 -2.99
C ALA A 235 -12.00 -3.42 -2.66
N VAL A 236 -12.92 -2.72 -3.32
CA VAL A 236 -14.35 -2.99 -3.10
C VAL A 236 -14.70 -4.37 -3.63
N ASN A 237 -14.16 -4.78 -4.77
N ASN A 237 -14.18 -4.79 -4.78
CA ASN A 237 -14.41 -6.10 -5.31
CA ASN A 237 -14.46 -6.12 -5.28
C ASN A 237 -13.79 -7.18 -4.42
N LEU A 238 -12.54 -6.98 -3.98
CA LEU A 238 -11.81 -7.98 -3.20
C LEU A 238 -12.49 -8.23 -1.85
N HIS A 239 -12.89 -7.15 -1.15
CA HIS A 239 -13.38 -7.24 0.22
C HIS A 239 -14.90 -7.26 0.34
N ARG A 240 -15.66 -6.84 -0.67
CA ARG A 240 -17.10 -6.89 -0.60
CA ARG A 240 -17.11 -6.77 -0.65
C ARG A 240 -17.59 -6.30 0.72
N PRO A 241 -17.23 -5.06 1.06
CA PRO A 241 -17.68 -4.49 2.35
C PRO A 241 -19.19 -4.25 2.42
N ASP A 242 -19.71 -4.28 3.65
CA ASP A 242 -21.08 -3.93 3.93
C ASP A 242 -21.22 -2.43 4.19
N LEU A 243 -20.09 -1.74 4.41
CA LEU A 243 -20.08 -0.31 4.68
C LEU A 243 -18.73 0.22 4.27
N ILE A 244 -18.70 1.37 3.63
CA ILE A 244 -17.47 2.12 3.37
C ILE A 244 -17.45 3.35 4.26
N LEU A 245 -16.35 3.61 4.96
CA LEU A 245 -16.08 4.88 5.60
CA LEU A 245 -16.04 4.86 5.62
C LEU A 245 -15.04 5.60 4.74
N TYR A 246 -15.41 6.76 4.22
CA TYR A 246 -14.61 7.47 3.24
C TYR A 246 -14.15 8.79 3.84
N ASP A 247 -12.84 8.97 3.93
CA ASP A 247 -12.24 10.22 4.37
C ASP A 247 -11.83 11.00 3.15
N ALA A 248 -12.54 12.12 2.91
CA ALA A 248 -12.42 12.97 1.75
C ALA A 248 -11.57 14.19 2.00
N GLY A 249 -10.52 14.04 2.81
CA GLY A 249 -9.66 15.17 3.14
C GLY A 249 -9.16 15.92 1.94
N VAL A 250 -9.13 17.27 2.01
CA VAL A 250 -8.78 18.11 0.87
C VAL A 250 -7.36 18.68 0.96
N ASP A 251 -6.55 18.19 1.89
CA ASP A 251 -5.15 18.57 1.99
C ASP A 251 -4.29 17.97 0.87
N ILE A 252 -4.86 17.20 -0.04
CA ILE A 252 -4.23 16.86 -1.30
C ILE A 252 -4.22 18.01 -2.29
N HIS A 253 -4.97 19.09 -2.01
CA HIS A 253 -5.07 20.17 -3.00
C HIS A 253 -3.70 20.83 -3.24
N ASN A 254 -3.53 21.29 -4.47
CA ASN A 254 -2.36 22.03 -4.89
C ASN A 254 -1.92 23.12 -3.92
N ASP A 255 -2.88 23.90 -3.42
CA ASP A 255 -2.59 25.09 -2.62
C ASP A 255 -2.64 24.80 -1.12
N ASP A 256 -2.78 23.54 -0.73
CA ASP A 256 -2.74 23.23 0.68
C ASP A 256 -1.41 23.68 1.27
N GLU A 257 -1.40 24.20 2.51
CA GLU A 257 -0.22 24.72 3.13
C GLU A 257 0.65 23.65 3.80
N LEU A 258 0.12 22.46 4.01
CA LEU A 258 0.90 21.31 4.51
C LEU A 258 1.13 20.26 3.47
N GLY A 259 0.13 19.84 2.71
CA GLY A 259 0.28 18.71 1.79
C GLY A 259 1.23 19.05 0.64
N TYR A 260 1.92 18.02 0.11
CA TYR A 260 2.89 18.22 -0.97
C TYR A 260 2.40 17.72 -2.33
N LEU A 261 1.09 17.38 -2.48
CA LEU A 261 0.53 16.97 -3.78
C LEU A 261 -0.01 18.17 -4.54
N SER A 262 -0.20 18.00 -5.84
CA SER A 262 -0.57 19.07 -6.77
C SER A 262 -1.92 18.75 -7.39
N ILE A 263 -2.91 18.46 -6.54
CA ILE A 263 -4.20 18.01 -7.05
C ILE A 263 -5.12 19.23 -7.22
N SER A 264 -5.83 19.31 -8.35
CA SER A 264 -6.73 20.43 -8.58
C SER A 264 -8.08 20.21 -7.90
N GLN A 265 -8.84 21.29 -7.73
CA GLN A 265 -10.20 21.23 -7.24
C GLN A 265 -11.06 20.35 -8.14
N ALA A 266 -10.84 20.46 -9.46
CA ALA A 266 -11.62 19.63 -10.39
C ALA A 266 -11.34 18.13 -10.19
N ALA A 267 -10.08 17.77 -9.88
CA ALA A 267 -9.75 16.40 -9.57
C ALA A 267 -10.31 15.96 -8.20
N ILE A 268 -10.32 16.82 -7.20
CA ILE A 268 -11.04 16.51 -5.97
C ILE A 268 -12.50 16.15 -6.27
N ALA A 269 -13.17 16.96 -7.13
CA ALA A 269 -14.50 16.70 -7.55
C ALA A 269 -14.65 15.34 -8.21
N GLN A 270 -13.72 15.01 -9.11
N GLN A 270 -13.71 15.01 -9.11
CA GLN A 270 -13.83 13.72 -9.79
CA GLN A 270 -13.73 13.73 -9.81
C GLN A 270 -13.58 12.56 -8.82
C GLN A 270 -13.56 12.58 -8.83
N ARG A 271 -12.65 12.73 -7.88
CA ARG A 271 -12.44 11.73 -6.85
C ARG A 271 -13.75 11.40 -6.16
N ASP A 272 -14.41 12.47 -5.65
CA ASP A 272 -15.62 12.33 -4.86
C ASP A 272 -16.75 11.74 -5.68
N ARG A 273 -16.91 12.22 -6.91
CA ARG A 273 -17.96 11.70 -7.79
C ARG A 273 -17.78 10.21 -8.08
N PHE A 274 -16.54 9.81 -8.33
CA PHE A 274 -16.24 8.39 -8.53
C PHE A 274 -16.60 7.60 -7.28
N MET A 275 -16.15 8.04 -6.12
CA MET A 275 -16.31 7.25 -4.90
C MET A 275 -17.77 7.05 -4.53
N LEU A 276 -18.54 8.14 -4.56
CA LEU A 276 -19.95 8.07 -4.22
C LEU A 276 -20.68 7.29 -5.32
N GLY A 277 -20.32 7.50 -6.57
CA GLY A 277 -20.92 6.76 -7.68
C GLY A 277 -20.71 5.24 -7.58
N LEU A 278 -19.54 4.84 -7.13
CA LEU A 278 -19.25 3.42 -7.06
C LEU A 278 -20.05 2.81 -5.92
N ALA A 279 -20.12 3.49 -4.77
CA ALA A 279 -20.90 2.97 -3.67
C ALA A 279 -22.36 2.80 -4.09
N LYS A 280 -22.91 3.78 -4.81
CA LYS A 280 -24.30 3.65 -5.23
C LYS A 280 -24.45 2.49 -6.22
N GLN A 281 -23.54 2.40 -7.21
CA GLN A 281 -23.61 1.31 -8.19
C GLN A 281 -23.63 -0.05 -7.53
N GLU A 282 -22.83 -0.23 -6.48
CA GLU A 282 -22.62 -1.52 -5.85
C GLU A 282 -23.59 -1.72 -4.68
N SER A 283 -24.45 -0.75 -4.42
CA SER A 283 -25.38 -0.77 -3.30
C SER A 283 -24.68 -0.97 -1.97
N ILE A 284 -23.57 -0.25 -1.76
CA ILE A 284 -22.87 -0.30 -0.50
C ILE A 284 -23.04 1.02 0.21
N PRO A 285 -23.60 1.02 1.43
CA PRO A 285 -23.69 2.25 2.20
C PRO A 285 -22.35 2.91 2.37
N ILE A 286 -22.33 4.24 2.25
CA ILE A 286 -21.09 4.99 2.39
C ILE A 286 -21.28 6.17 3.33
N ALA A 287 -20.48 6.22 4.41
CA ALA A 287 -20.46 7.24 5.41
C ALA A 287 -19.19 8.05 5.17
N CYS A 288 -19.32 9.32 4.89
CA CYS A 288 -18.19 10.17 4.52
C CYS A 288 -17.80 11.09 5.67
N VAL A 289 -16.53 11.41 5.79
CA VAL A 289 -16.03 12.44 6.68
C VAL A 289 -15.19 13.37 5.85
N ILE A 290 -15.10 14.66 6.25
CA ILE A 290 -14.41 15.64 5.38
C ILE A 290 -12.93 15.69 5.66
N GLY A 291 -12.42 15.21 6.78
CA GLY A 291 -10.98 15.15 6.98
C GLY A 291 -10.27 16.50 6.98
N GLY A 292 -9.00 16.53 6.57
CA GLY A 292 -8.11 17.65 6.75
C GLY A 292 -8.15 18.66 5.60
N GLY A 293 -7.14 19.54 5.65
CA GLY A 293 -7.08 20.75 4.85
C GLY A 293 -6.46 21.90 5.65
N TYR A 294 -5.51 22.60 5.06
CA TYR A 294 -4.74 23.61 5.79
C TYR A 294 -4.59 24.83 4.92
N ARG A 295 -5.28 25.90 5.30
CA ARG A 295 -5.19 27.23 4.72
C ARG A 295 -5.33 28.26 5.82
N GLU A 296 -4.46 29.28 5.80
N GLU A 296 -4.47 29.30 5.80
CA GLU A 296 -4.52 30.31 6.82
CA GLU A 296 -4.53 30.32 6.84
C GLU A 296 -5.88 31.01 6.84
C GLU A 296 -5.86 31.06 6.83
N ASP A 297 -6.43 31.24 5.64
CA ASP A 297 -7.81 31.70 5.51
C ASP A 297 -8.73 30.49 5.47
N HIS A 298 -9.42 30.22 6.59
CA HIS A 298 -10.13 28.98 6.75
C HIS A 298 -11.23 28.83 5.70
N ALA A 299 -11.71 29.97 5.19
CA ALA A 299 -12.78 29.94 4.18
C ALA A 299 -12.29 29.35 2.87
N ALA A 300 -10.97 29.36 2.62
CA ALA A 300 -10.50 28.85 1.35
C ALA A 300 -10.76 27.36 1.20
N LEU A 301 -10.97 26.62 2.30
CA LEU A 301 -11.25 25.19 2.26
C LEU A 301 -12.66 24.88 1.85
N VAL A 302 -13.60 25.85 2.04
CA VAL A 302 -15.01 25.62 1.77
C VAL A 302 -15.28 25.08 0.37
N PRO A 303 -14.81 25.71 -0.70
CA PRO A 303 -15.17 25.18 -2.03
C PRO A 303 -14.62 23.79 -2.27
N LEU A 304 -13.48 23.47 -1.64
CA LEU A 304 -12.89 22.13 -1.82
C LEU A 304 -13.79 21.08 -1.16
N HIS A 305 -14.19 21.31 0.08
CA HIS A 305 -15.10 20.39 0.75
C HIS A 305 -16.45 20.36 0.04
N LEU A 306 -16.90 21.51 -0.47
CA LEU A 306 -18.23 21.53 -1.08
C LEU A 306 -18.30 20.55 -2.24
N GLU A 307 -17.17 20.24 -2.89
CA GLU A 307 -17.20 19.27 -3.98
C GLU A 307 -17.75 17.93 -3.52
N LEU A 308 -17.56 17.53 -2.27
CA LEU A 308 -18.11 16.27 -1.76
C LEU A 308 -19.63 16.33 -1.81
N LEU A 309 -20.20 17.48 -1.40
CA LEU A 309 -21.65 17.57 -1.45
CA LEU A 309 -21.64 17.73 -1.45
C LEU A 309 -22.14 17.68 -2.89
N LYS A 310 -21.42 18.36 -3.78
CA LYS A 310 -21.83 18.41 -5.20
C LYS A 310 -21.80 17.00 -5.81
N ALA A 311 -20.85 16.16 -5.41
CA ALA A 311 -20.82 14.77 -5.86
C ALA A 311 -22.02 14.00 -5.37
N ALA A 312 -22.40 14.24 -4.12
CA ALA A 312 -23.49 13.51 -3.53
C ALA A 312 -24.80 13.94 -4.18
N LEU A 313 -24.94 15.23 -4.47
CA LEU A 313 -26.15 15.71 -5.13
C LEU A 313 -26.33 14.99 -6.47
N LEU A 314 -25.24 14.84 -7.19
N LEU A 314 -25.23 14.89 -7.23
CA LEU A 314 -25.32 14.32 -8.54
CA LEU A 314 -25.26 14.29 -8.56
C LEU A 314 -25.66 12.83 -8.45
N SER A 315 -25.11 12.13 -7.47
CA SER A 315 -25.37 10.71 -7.33
C SER A 315 -26.76 10.47 -6.78
N ALA A 316 -27.35 11.50 -6.16
CA ALA A 316 -28.63 11.41 -5.47
C ALA A 316 -29.83 11.56 -6.41
N GLY A 317 -29.54 11.79 -7.70
CA GLY A 317 -30.59 11.76 -8.70
C GLY A 317 -31.20 10.37 -8.77
N TYR A 318 -32.50 10.30 -9.06
CA TYR A 318 -33.15 9.02 -9.32
C TYR A 318 -32.35 8.31 -10.43
N MET B 12 9.59 -21.03 -26.46
CA MET B 12 10.90 -21.20 -25.75
C MET B 12 10.93 -20.33 -24.50
N ILE B 13 11.37 -20.92 -23.38
CA ILE B 13 11.46 -20.22 -22.11
C ILE B 13 12.91 -20.21 -21.67
N PRO B 14 13.61 -19.09 -21.91
CA PRO B 14 14.98 -18.98 -21.45
C PRO B 14 15.12 -19.05 -19.95
N LEU B 15 16.14 -19.75 -19.50
CA LEU B 15 16.56 -19.92 -18.12
C LEU B 15 17.98 -19.40 -17.99
N ILE B 16 18.20 -18.45 -17.09
CA ILE B 16 19.52 -17.84 -16.95
C ILE B 16 20.21 -18.40 -15.72
N TYR B 17 21.44 -18.91 -15.93
CA TYR B 17 22.16 -19.58 -14.87
C TYR B 17 23.66 -19.48 -15.11
N HIS B 18 24.43 -19.30 -14.06
CA HIS B 18 25.87 -19.40 -14.14
C HIS B 18 26.34 -20.28 -13.01
N PRO B 19 27.31 -21.19 -13.28
CA PRO B 19 27.83 -22.04 -12.23
C PRO B 19 28.47 -21.30 -11.06
N ILE B 20 28.81 -20.04 -11.19
CA ILE B 20 29.34 -19.32 -10.05
C ILE B 20 28.30 -19.09 -8.96
N TYR B 21 27.01 -19.22 -9.26
CA TYR B 21 26.00 -18.81 -8.31
C TYR B 21 26.08 -19.55 -6.98
N SER B 22 26.53 -20.80 -6.96
CA SER B 22 26.70 -21.54 -5.70
C SER B 22 28.16 -21.73 -5.32
N GLN B 23 29.11 -21.07 -5.99
N GLN B 23 29.09 -21.06 -6.02
CA GLN B 23 30.53 -21.34 -5.74
CA GLN B 23 30.50 -21.20 -5.72
C GLN B 23 31.08 -20.69 -4.43
C GLN B 23 31.04 -20.08 -4.86
N LEU B 24 30.36 -19.82 -3.76
CA LEU B 24 30.85 -19.06 -2.62
C LEU B 24 31.01 -20.00 -1.43
N ASP B 25 32.17 -19.93 -0.80
CA ASP B 25 32.51 -20.76 0.35
C ASP B 25 31.96 -20.10 1.60
N LEU B 26 30.86 -20.63 2.15
CA LEU B 26 30.39 -20.16 3.43
C LEU B 26 30.50 -21.30 4.43
N PRO B 27 30.60 -21.01 5.73
CA PRO B 27 30.56 -22.06 6.75
C PRO B 27 29.25 -22.83 6.77
N VAL B 28 29.34 -24.11 7.15
CA VAL B 28 28.16 -24.87 7.53
C VAL B 28 27.44 -24.03 8.58
N GLY B 29 26.13 -23.96 8.52
CA GLY B 29 25.47 -23.18 9.52
C GLY B 29 25.22 -21.74 9.07
N HIS B 30 25.91 -21.22 8.03
CA HIS B 30 25.58 -19.89 7.52
C HIS B 30 24.10 -19.83 7.18
N ARG B 31 23.44 -18.70 7.45
CA ARG B 31 22.02 -18.54 7.18
C ARG B 31 21.69 -18.59 5.67
N TYR B 32 22.59 -18.22 4.78
CA TYR B 32 22.21 -18.09 3.39
CA TYR B 32 22.31 -18.06 3.35
C TYR B 32 22.34 -19.43 2.67
N PRO B 33 21.26 -19.90 1.97
CA PRO B 33 21.26 -21.23 1.34
C PRO B 33 21.97 -21.26 0.00
N ILE B 34 23.28 -21.07 0.06
CA ILE B 34 24.07 -20.81 -1.12
C ILE B 34 23.99 -21.93 -2.15
N ASN B 35 23.83 -23.19 -1.73
CA ASN B 35 23.77 -24.30 -2.67
C ASN B 35 22.45 -24.43 -3.43
N LYS B 36 21.44 -23.63 -3.08
CA LYS B 36 20.14 -23.85 -3.69
C LYS B 36 20.20 -23.62 -5.20
N TYR B 37 21.08 -22.74 -5.67
CA TYR B 37 21.11 -22.40 -7.10
C TYR B 37 21.56 -23.60 -7.91
N ARG B 38 22.72 -24.16 -7.57
CA ARG B 38 23.22 -25.34 -8.26
CA ARG B 38 23.23 -25.34 -8.24
C ARG B 38 22.25 -26.50 -8.12
N LEU B 39 21.65 -26.71 -6.92
CA LEU B 39 20.77 -27.86 -6.77
C LEU B 39 19.52 -27.70 -7.60
N LEU B 40 18.98 -26.48 -7.74
CA LEU B 40 17.85 -26.23 -8.59
C LEU B 40 18.22 -26.45 -10.05
N TYR B 41 19.36 -25.92 -10.50
CA TYR B 41 19.86 -26.17 -11.84
C TYR B 41 19.93 -27.66 -12.12
N GLU B 42 20.50 -28.44 -11.22
CA GLU B 42 20.70 -29.85 -11.48
C GLU B 42 19.37 -30.55 -11.56
N GLU B 43 18.38 -30.14 -10.79
CA GLU B 43 17.08 -30.77 -10.86
C GLU B 43 16.45 -30.44 -12.22
N ILE B 44 16.58 -29.21 -12.67
CA ILE B 44 16.02 -28.86 -13.99
C ILE B 44 16.73 -29.65 -15.09
N VAL B 45 18.05 -29.86 -15.00
CA VAL B 45 18.76 -30.69 -15.98
C VAL B 45 18.17 -32.08 -15.98
N ARG B 46 17.90 -32.63 -14.78
CA ARG B 46 17.28 -33.95 -14.66
C ARG B 46 15.91 -33.97 -15.32
N GLN B 47 15.07 -32.98 -15.08
CA GLN B 47 13.76 -32.90 -15.70
C GLN B 47 13.90 -32.88 -17.22
N ARG B 48 14.80 -32.10 -17.77
CA ARG B 48 14.99 -31.99 -19.22
C ARG B 48 15.46 -33.31 -19.80
N GLU B 49 16.28 -34.07 -19.07
CA GLU B 49 16.77 -35.31 -19.63
C GLU B 49 15.61 -36.28 -19.71
N GLN B 50 14.63 -36.20 -18.84
CA GLN B 50 13.67 -37.25 -18.94
C GLN B 50 12.39 -36.88 -19.65
N SER B 51 12.27 -35.64 -20.12
CA SER B 51 11.05 -35.22 -20.79
C SER B 51 11.36 -34.41 -22.05
N GLU B 52 10.79 -34.80 -23.20
CA GLU B 52 10.87 -33.99 -24.40
C GLU B 52 10.28 -32.60 -24.16
N ALA B 53 9.17 -32.52 -23.47
CA ALA B 53 8.51 -31.25 -23.23
C ALA B 53 9.43 -30.28 -22.49
N TRP B 54 10.10 -30.76 -21.45
CA TRP B 54 11.04 -29.90 -20.72
C TRP B 54 12.28 -29.57 -21.55
N GLN B 55 12.79 -30.54 -22.33
N GLN B 55 12.76 -30.55 -22.34
CA GLN B 55 13.95 -30.31 -23.17
CA GLN B 55 13.96 -30.34 -23.14
C GLN B 55 13.60 -29.25 -24.20
C GLN B 55 13.66 -29.32 -24.23
N ALA B 56 12.46 -29.41 -24.82
CA ALA B 56 12.12 -28.59 -25.97
C ALA B 56 11.73 -27.18 -25.58
N SER B 57 11.12 -27.02 -24.39
CA SER B 57 10.49 -25.78 -23.93
C SER B 57 11.45 -24.81 -23.22
N PHE B 58 12.47 -25.34 -22.59
CA PHE B 58 13.40 -24.53 -21.83
C PHE B 58 14.75 -24.54 -22.54
N GLU B 59 15.49 -23.46 -22.39
CA GLU B 59 16.87 -23.42 -22.87
C GLU B 59 17.70 -22.61 -21.89
N PHE B 60 18.96 -22.94 -21.72
CA PHE B 60 19.81 -22.21 -20.78
C PHE B 60 20.62 -21.14 -21.48
N HIS B 61 20.81 -20.03 -20.77
CA HIS B 61 21.61 -18.89 -21.14
C HIS B 61 22.55 -18.52 -20.02
N THR B 62 23.83 -18.46 -20.36
CA THR B 62 24.88 -18.14 -19.41
C THR B 62 25.16 -16.63 -19.48
N PRO B 63 25.12 -15.91 -18.37
CA PRO B 63 25.45 -14.51 -18.35
C PRO B 63 26.94 -14.23 -18.20
N ILE B 64 27.34 -12.99 -18.44
CA ILE B 64 28.66 -12.51 -18.05
C ILE B 64 28.49 -11.45 -16.98
N ALA B 65 29.59 -11.19 -16.32
CA ALA B 65 29.62 -10.20 -15.26
C ALA B 65 29.17 -8.82 -15.73
N ALA B 66 28.34 -8.17 -14.93
CA ALA B 66 27.91 -6.79 -15.18
C ALA B 66 29.10 -5.84 -15.13
N GLU B 67 29.08 -4.87 -16.04
CA GLU B 67 30.02 -3.73 -16.04
C GLU B 67 29.63 -2.72 -14.96
N LEU B 68 30.62 -2.01 -14.42
CA LEU B 68 30.33 -0.98 -13.39
C LEU B 68 29.29 0.04 -13.88
N SER B 69 29.32 0.38 -15.17
CA SER B 69 28.41 1.38 -15.70
C SER B 69 26.97 0.93 -15.65
N ARG B 70 26.72 -0.37 -15.41
CA ARG B 70 25.37 -0.84 -15.23
C ARG B 70 24.85 -0.61 -13.81
N ILE B 71 25.79 -0.52 -12.87
CA ILE B 71 25.49 -0.50 -11.46
C ILE B 71 25.44 0.93 -10.89
N THR B 72 26.32 1.81 -11.36
CA THR B 72 26.38 3.18 -10.79
C THR B 72 25.21 4.10 -11.15
N PRO B 73 24.32 3.84 -12.15
CA PRO B 73 23.14 4.68 -12.28
C PRO B 73 22.18 4.52 -11.12
N LEU B 74 22.28 3.40 -10.40
CA LEU B 74 21.41 3.10 -9.27
C LEU B 74 22.16 3.36 -7.96
N HIS B 75 23.39 2.85 -7.84
CA HIS B 75 24.16 2.84 -6.62
C HIS B 75 25.24 3.92 -6.59
N ASP B 76 25.34 4.52 -5.41
CA ASP B 76 26.35 5.54 -5.19
C ASP B 76 27.72 5.02 -5.53
N PRO B 77 28.52 5.69 -6.40
CA PRO B 77 29.85 5.17 -6.73
C PRO B 77 30.80 4.93 -5.57
N ASP B 78 30.66 5.66 -4.47
CA ASP B 78 31.56 5.45 -3.35
C ASP B 78 31.20 4.17 -2.58
N TYR B 79 29.92 3.86 -2.46
CA TYR B 79 29.48 2.57 -1.92
C TYR B 79 29.98 1.44 -2.82
N VAL B 80 29.74 1.57 -4.13
CA VAL B 80 30.13 0.56 -5.09
C VAL B 80 31.63 0.28 -4.98
N GLN B 81 32.43 1.35 -5.01
N GLN B 81 32.43 1.34 -5.02
CA GLN B 81 33.87 1.16 -5.01
CA GLN B 81 33.88 1.18 -5.00
C GLN B 81 34.34 0.53 -3.69
N ALA B 82 33.74 0.95 -2.57
CA ALA B 82 34.11 0.41 -1.27
C ALA B 82 33.87 -1.10 -1.22
N LEU B 83 32.74 -1.52 -1.75
CA LEU B 83 32.41 -2.93 -1.69
C LEU B 83 33.26 -3.71 -2.69
N LEU B 84 33.48 -3.18 -3.90
CA LEU B 84 34.35 -3.81 -4.87
C LEU B 84 35.74 -4.07 -4.28
N GLU B 85 36.28 -3.12 -3.52
CA GLU B 85 37.68 -3.19 -3.12
C GLU B 85 37.84 -3.71 -1.70
N GLY B 86 36.76 -4.09 -1.06
CA GLY B 86 36.83 -4.77 0.23
C GLY B 86 37.16 -3.80 1.37
N ARG B 87 36.68 -2.56 1.26
CA ARG B 87 36.96 -1.60 2.31
C ARG B 87 35.67 -1.00 2.86
N LEU B 88 34.57 -1.74 2.76
CA LEU B 88 33.38 -1.38 3.51
C LEU B 88 33.67 -1.61 4.98
N PRO B 89 33.23 -0.74 5.90
CA PRO B 89 33.45 -1.03 7.32
C PRO B 89 32.88 -2.38 7.71
N ALA B 90 33.50 -2.98 8.72
CA ALA B 90 33.09 -4.30 9.14
C ALA B 90 31.61 -4.35 9.48
N ALA B 91 31.11 -3.33 10.22
CA ALA B 91 29.71 -3.38 10.68
C ALA B 91 28.76 -3.39 9.48
N LYS B 92 29.13 -2.62 8.43
CA LYS B 92 28.31 -2.60 7.22
C LYS B 92 28.34 -3.95 6.51
N MET B 93 29.48 -4.63 6.55
CA MET B 93 29.62 -5.91 5.89
C MET B 93 28.79 -6.94 6.67
N ARG B 94 28.80 -6.83 8.01
CA ARG B 94 28.01 -7.68 8.87
CA ARG B 94 28.01 -7.68 8.88
C ARG B 94 26.53 -7.55 8.55
N ARG B 95 26.04 -6.33 8.36
CA ARG B 95 24.63 -6.13 8.05
C ARG B 95 24.25 -6.63 6.63
N ILE B 96 25.20 -6.63 5.68
CA ILE B 96 24.98 -7.35 4.42
C ILE B 96 24.84 -8.84 4.74
N GLY B 97 25.67 -9.41 5.59
CA GLY B 97 25.46 -10.79 6.04
C GLY B 97 26.46 -11.81 5.47
N PHE B 98 27.49 -11.36 4.80
CA PHE B 98 28.54 -12.21 4.30
C PHE B 98 29.88 -11.67 4.70
N PRO B 99 30.91 -12.52 4.80
CA PRO B 99 32.29 -12.05 4.81
C PRO B 99 32.58 -11.43 3.45
N TRP B 100 33.44 -10.42 3.41
CA TRP B 100 33.86 -9.90 2.14
C TRP B 100 34.84 -10.87 1.51
N SER B 101 34.69 -11.07 0.22
CA SER B 101 35.68 -11.75 -0.57
C SER B 101 35.55 -11.32 -2.04
N LYS B 102 36.62 -11.55 -2.78
CA LYS B 102 36.60 -11.34 -4.22
C LYS B 102 35.59 -12.27 -4.88
N THR B 103 35.41 -13.48 -4.33
CA THR B 103 34.43 -14.42 -4.85
CA THR B 103 34.43 -14.39 -4.90
C THR B 103 33.01 -13.88 -4.68
N LEU B 104 32.73 -13.23 -3.53
CA LEU B 104 31.42 -12.67 -3.33
C LEU B 104 31.10 -11.61 -4.39
N ILE B 105 32.10 -10.73 -4.66
CA ILE B 105 31.90 -9.67 -5.63
C ILE B 105 31.66 -10.28 -7.02
N GLU B 106 32.54 -11.22 -7.41
CA GLU B 106 32.38 -11.88 -8.71
C GLU B 106 31.01 -12.53 -8.86
N ARG B 107 30.54 -13.26 -7.83
N ARG B 107 30.54 -13.25 -7.83
CA ARG B 107 29.22 -13.88 -7.91
CA ARG B 107 29.23 -13.88 -7.90
C ARG B 107 28.16 -12.80 -8.14
C ARG B 107 28.16 -12.82 -8.11
N THR B 108 28.24 -11.72 -7.34
CA THR B 108 27.26 -10.64 -7.40
C THR B 108 27.24 -10.04 -8.79
N LEU B 109 28.40 -9.78 -9.37
CA LEU B 109 28.47 -9.15 -10.69
C LEU B 109 27.84 -10.05 -11.76
N HIS B 110 28.09 -11.35 -11.64
CA HIS B 110 27.47 -12.30 -12.59
C HIS B 110 25.97 -12.34 -12.45
N SER B 111 25.49 -12.37 -11.20
CA SER B 111 24.03 -12.45 -11.02
C SER B 111 23.32 -11.17 -11.48
N VAL B 112 23.90 -9.99 -11.19
CA VAL B 112 23.36 -8.75 -11.74
C VAL B 112 23.27 -8.83 -13.26
N GLY B 113 24.38 -9.30 -13.89
CA GLY B 113 24.37 -9.51 -15.33
C GLY B 113 23.27 -10.51 -15.74
N GLY B 114 23.07 -11.52 -14.91
CA GLY B 114 22.03 -12.51 -15.15
C GLY B 114 20.63 -11.92 -15.13
N THR B 115 20.31 -11.02 -14.18
CA THR B 115 18.96 -10.42 -14.22
C THR B 115 18.78 -9.54 -15.44
N CYS B 116 19.83 -8.83 -15.84
CA CYS B 116 19.73 -8.03 -17.05
C CYS B 116 19.53 -8.91 -18.28
N LEU B 117 20.25 -10.06 -18.35
CA LEU B 117 20.09 -10.98 -19.46
C LEU B 117 18.69 -11.56 -19.49
N THR B 118 18.14 -11.82 -18.29
CA THR B 118 16.76 -12.29 -18.19
C THR B 118 15.78 -11.27 -18.79
N VAL B 119 16.01 -9.97 -18.55
CA VAL B 119 15.19 -8.95 -19.20
C VAL B 119 15.31 -9.01 -20.72
N GLU B 120 16.53 -9.11 -21.25
CA GLU B 120 16.68 -9.17 -22.69
C GLU B 120 15.89 -10.37 -23.24
N GLN B 121 16.08 -11.52 -22.60
CA GLN B 121 15.47 -12.74 -23.09
C GLN B 121 13.94 -12.72 -22.97
N ALA B 122 13.41 -12.09 -21.91
CA ALA B 122 11.97 -11.93 -21.75
C ALA B 122 11.38 -11.05 -22.83
N LEU B 123 12.08 -9.98 -23.18
CA LEU B 123 11.61 -9.14 -24.28
C LEU B 123 11.56 -9.93 -25.57
N GLN B 124 12.54 -10.82 -25.81
CA GLN B 124 12.58 -11.58 -27.06
C GLN B 124 11.54 -12.71 -27.09
N SER B 125 11.35 -13.42 -25.97
CA SER B 125 10.63 -14.67 -25.99
C SER B 125 9.29 -14.59 -25.26
N GLY B 126 9.10 -13.54 -24.45
CA GLY B 126 7.85 -13.41 -23.68
C GLY B 126 8.00 -13.66 -22.18
N VAL B 127 8.79 -14.67 -21.83
CA VAL B 127 8.96 -15.13 -20.46
C VAL B 127 10.43 -15.54 -20.35
N ALA B 128 11.11 -15.15 -19.29
CA ALA B 128 12.42 -15.71 -18.99
C ALA B 128 12.55 -15.79 -17.48
N ILE B 129 13.32 -16.76 -17.01
CA ILE B 129 13.49 -17.00 -15.59
C ILE B 129 14.96 -17.01 -15.23
N HIS B 130 15.31 -16.20 -14.26
CA HIS B 130 16.64 -16.17 -13.67
C HIS B 130 16.69 -17.12 -12.50
N LEU B 131 17.63 -18.06 -12.49
CA LEU B 131 17.83 -18.99 -11.37
C LEU B 131 18.69 -18.38 -10.26
N SER B 132 18.46 -17.11 -9.96
CA SER B 132 19.08 -16.30 -8.92
C SER B 132 18.29 -15.00 -8.87
N GLY B 133 18.87 -13.97 -8.25
CA GLY B 133 18.28 -12.64 -8.30
C GLY B 133 17.24 -12.35 -7.22
N GLY B 134 16.76 -11.11 -7.23
CA GLY B 134 15.82 -10.62 -6.24
C GLY B 134 16.45 -9.94 -5.01
N TYR B 135 17.46 -9.13 -5.25
N TYR B 135 17.55 -9.22 -5.18
CA TYR B 135 18.31 -8.49 -4.22
CA TYR B 135 18.31 -8.71 -4.04
C TYR B 135 17.69 -7.17 -3.76
C TYR B 135 17.76 -7.33 -3.61
N HIS B 136 16.47 -7.32 -3.20
CA HIS B 136 15.63 -6.15 -3.02
C HIS B 136 15.97 -5.32 -1.78
N HIS B 137 16.91 -5.75 -0.93
CA HIS B 137 17.29 -5.01 0.25
C HIS B 137 18.55 -4.14 0.05
N ALA B 138 19.05 -4.03 -1.19
CA ALA B 138 20.15 -3.12 -1.50
C ALA B 138 19.59 -1.77 -1.89
N HIS B 139 20.10 -0.73 -1.23
CA HIS B 139 19.72 0.68 -1.40
C HIS B 139 20.82 1.36 -2.17
N ALA B 140 20.65 2.64 -2.55
CA ALA B 140 21.66 3.33 -3.32
C ALA B 140 23.00 3.24 -2.60
N ASP B 141 23.05 3.47 -1.28
CA ASP B 141 24.37 3.60 -0.66
C ASP B 141 24.60 2.67 0.51
N PHE B 142 23.81 1.60 0.60
CA PHE B 142 24.10 0.55 1.55
C PHE B 142 23.44 -0.76 1.10
N GLY B 143 24.00 -1.84 1.60
CA GLY B 143 23.50 -3.19 1.43
C GLY B 143 22.97 -3.75 2.75
N SER B 144 22.10 -4.75 2.62
CA SER B 144 21.51 -5.36 3.80
C SER B 144 20.87 -6.68 3.36
N GLY B 145 20.55 -7.53 4.34
CA GLY B 145 19.75 -8.70 4.02
C GLY B 145 20.24 -9.56 2.83
N PHE B 146 21.56 -9.75 2.78
CA PHE B 146 22.25 -10.59 1.80
C PHE B 146 22.25 -9.93 0.41
N CYS B 147 21.99 -8.62 0.34
CA CYS B 147 21.88 -7.89 -0.89
C CYS B 147 22.95 -6.81 -0.96
N LEU B 148 23.79 -6.85 -2.01
CA LEU B 148 24.86 -5.88 -2.24
C LEU B 148 24.43 -4.83 -3.25
N PHE B 149 24.02 -5.26 -4.42
CA PHE B 149 23.50 -4.45 -5.48
C PHE B 149 22.10 -4.93 -5.79
N ASN B 150 21.20 -4.01 -6.14
CA ASN B 150 19.80 -4.33 -6.39
C ASN B 150 19.62 -4.62 -7.87
N ASP B 151 19.68 -5.94 -8.20
CA ASP B 151 19.47 -6.38 -9.54
C ASP B 151 18.15 -6.02 -10.16
N LEU B 152 17.05 -5.99 -9.36
CA LEU B 152 15.73 -5.61 -9.89
C LEU B 152 15.74 -4.15 -10.39
N ALA B 153 16.26 -3.25 -9.55
CA ALA B 153 16.32 -1.86 -9.92
C ALA B 153 17.29 -1.61 -11.07
N ILE B 154 18.46 -2.28 -11.04
CA ILE B 154 19.42 -2.18 -12.11
C ILE B 154 18.85 -2.66 -13.43
N ALA B 155 18.15 -3.80 -13.41
CA ALA B 155 17.56 -4.39 -14.61
C ALA B 155 16.42 -3.52 -15.17
N ALA B 156 15.60 -2.93 -14.28
CA ALA B 156 14.50 -2.05 -14.68
C ALA B 156 15.05 -0.81 -15.43
N HIS B 157 16.11 -0.23 -14.88
CA HIS B 157 16.73 0.96 -15.45
C HIS B 157 17.31 0.62 -16.81
N PHE B 158 18.03 -0.51 -16.90
CA PHE B 158 18.54 -1.08 -18.13
C PHE B 158 17.43 -1.29 -19.16
N ALA B 159 16.31 -1.89 -18.74
CA ALA B 159 15.20 -2.15 -19.65
C ALA B 159 14.70 -0.87 -20.31
N LEU B 160 14.63 0.23 -19.53
CA LEU B 160 14.08 1.50 -20.01
C LEU B 160 14.96 2.10 -21.12
N SER B 161 16.20 1.63 -21.27
CA SER B 161 17.10 2.13 -22.28
C SER B 161 16.78 1.51 -23.64
N LEU B 162 15.89 0.54 -23.70
CA LEU B 162 15.55 -0.12 -24.96
C LEU B 162 14.32 0.47 -25.62
N PRO B 163 14.26 0.56 -26.97
CA PRO B 163 13.15 1.28 -27.60
C PRO B 163 11.74 0.81 -27.21
N SER B 164 11.55 -0.47 -26.89
CA SER B 164 10.20 -0.96 -26.68
C SER B 164 9.66 -0.71 -25.25
N VAL B 165 10.52 -0.25 -24.34
CA VAL B 165 10.15 -0.25 -22.92
C VAL B 165 10.13 1.18 -22.41
N ASP B 166 8.94 1.66 -22.01
CA ASP B 166 8.78 2.96 -21.40
C ASP B 166 8.31 2.92 -19.94
N LYS B 167 7.82 1.76 -19.50
CA LYS B 167 7.34 1.64 -18.13
C LYS B 167 7.57 0.19 -17.68
N VAL B 168 8.10 0.06 -16.48
CA VAL B 168 8.42 -1.23 -15.88
C VAL B 168 7.65 -1.37 -14.56
N LEU B 169 7.03 -2.55 -14.35
CA LEU B 169 6.36 -2.85 -13.09
C LEU B 169 7.14 -3.93 -12.37
N ILE B 170 7.60 -3.71 -11.15
CA ILE B 170 8.25 -4.69 -10.32
C ILE B 170 7.27 -5.26 -9.33
N ILE B 171 7.05 -6.54 -9.35
CA ILE B 171 6.10 -7.21 -8.52
C ILE B 171 6.86 -8.11 -7.59
N ASP B 172 6.91 -7.80 -6.31
CA ASP B 172 7.77 -8.49 -5.40
C ASP B 172 6.96 -9.31 -4.39
N SER B 173 6.92 -10.62 -4.59
CA SER B 173 6.15 -11.53 -3.77
CA SER B 173 6.14 -11.49 -3.75
C SER B 173 6.99 -12.28 -2.76
N ASP B 174 8.27 -11.97 -2.63
CA ASP B 174 9.11 -12.49 -1.56
C ASP B 174 8.46 -12.06 -0.25
N VAL B 175 8.65 -12.82 0.84
CA VAL B 175 7.97 -12.49 2.09
C VAL B 175 8.46 -11.18 2.73
N HIS B 176 9.65 -10.73 2.39
CA HIS B 176 10.20 -9.51 2.95
C HIS B 176 9.87 -8.32 2.04
N HIS B 177 9.60 -7.16 2.69
CA HIS B 177 9.37 -5.94 1.96
C HIS B 177 10.54 -5.55 1.09
N GLY B 178 10.26 -5.15 -0.13
CA GLY B 178 11.30 -4.71 -1.06
C GLY B 178 11.74 -3.26 -0.83
N ASP B 179 12.45 -3.06 0.27
CA ASP B 179 12.72 -1.72 0.75
C ASP B 179 13.76 -1.01 -0.09
N GLY B 180 14.82 -1.72 -0.51
CA GLY B 180 15.83 -1.09 -1.35
C GLY B 180 15.27 -0.73 -2.72
N THR B 181 14.43 -1.59 -3.28
CA THR B 181 13.79 -1.30 -4.54
C THR B 181 12.92 -0.04 -4.38
N ALA B 182 12.15 0.01 -3.30
CA ALA B 182 11.26 1.14 -3.04
C ALA B 182 12.04 2.45 -3.03
N THR B 183 13.16 2.55 -2.28
CA THR B 183 13.90 3.79 -2.18
C THR B 183 14.58 4.14 -3.52
N LEU B 184 15.07 3.13 -4.23
CA LEU B 184 15.71 3.40 -5.50
C LEU B 184 14.74 3.91 -6.55
N CYS B 185 13.47 3.51 -6.50
CA CYS B 185 12.51 3.88 -7.53
C CYS B 185 11.55 5.00 -7.13
N ALA B 186 11.69 5.52 -5.92
CA ALA B 186 10.70 6.43 -5.36
C ALA B 186 10.50 7.70 -6.21
N GLU B 187 11.55 8.14 -6.89
CA GLU B 187 11.60 9.40 -7.62
CA GLU B 187 11.41 9.40 -7.62
C GLU B 187 11.51 9.15 -9.12
N ARG B 188 11.43 7.87 -9.52
CA ARG B 188 11.50 7.48 -10.92
C ARG B 188 10.08 7.15 -11.35
N ASP B 189 9.45 7.95 -12.19
CA ASP B 189 8.05 7.73 -12.54
C ASP B 189 7.80 6.59 -13.55
N ASP B 190 8.85 6.02 -14.15
CA ASP B 190 8.74 4.98 -15.14
C ASP B 190 9.01 3.60 -14.57
N ILE B 191 9.27 3.52 -13.26
CA ILE B 191 9.34 2.22 -12.58
C ILE B 191 8.35 2.23 -11.40
N ILE B 192 7.39 1.31 -11.46
CA ILE B 192 6.37 1.16 -10.44
C ILE B 192 6.77 -0.02 -9.57
N THR B 193 6.69 0.12 -8.23
CA THR B 193 7.03 -0.94 -7.30
C THR B 193 5.80 -1.40 -6.53
N LEU B 194 5.58 -2.69 -6.52
CA LEU B 194 4.53 -3.35 -5.78
C LEU B 194 5.16 -4.39 -4.88
N SER B 195 4.95 -4.35 -3.59
CA SER B 195 5.45 -5.35 -2.67
C SER B 195 4.33 -5.93 -1.82
N PHE B 196 4.29 -7.25 -1.76
CA PHE B 196 3.54 -8.02 -0.81
C PHE B 196 4.51 -8.58 0.23
N HIS B 197 4.20 -8.59 1.52
CA HIS B 197 5.18 -8.99 2.51
C HIS B 197 4.52 -9.26 3.83
N CYS B 198 5.24 -9.96 4.71
CA CYS B 198 4.81 -10.12 6.09
C CYS B 198 5.24 -8.87 6.87
N ASP B 199 4.28 -8.23 7.53
CA ASP B 199 4.58 -6.98 8.26
C ASP B 199 5.63 -7.14 9.34
N LYS B 200 5.59 -8.25 10.09
CA LYS B 200 6.49 -8.44 11.22
C LYS B 200 7.87 -8.99 10.83
N ASN B 201 8.04 -9.35 9.57
CA ASN B 201 9.37 -9.71 9.07
C ASN B 201 10.24 -8.48 8.77
N PHE B 202 11.54 -8.69 8.82
CA PHE B 202 12.55 -7.74 8.36
C PHE B 202 12.11 -7.16 7.02
N PRO B 203 12.35 -5.87 6.67
CA PRO B 203 12.92 -4.87 7.55
C PRO B 203 11.89 -4.19 8.45
N ALA B 204 12.31 -3.74 9.63
CA ALA B 204 11.38 -3.03 10.49
C ALA B 204 10.89 -1.71 9.88
N ARG B 205 11.82 -0.99 9.25
N ARG B 205 11.79 -0.94 9.28
CA ARG B 205 11.52 0.22 8.50
CA ARG B 205 11.40 0.30 8.60
C ARG B 205 11.19 -0.15 7.05
C ARG B 205 11.20 0.00 7.12
N LYS B 206 9.97 0.23 6.64
CA LYS B 206 9.52 -0.12 5.31
C LYS B 206 9.24 1.15 4.48
N PRO B 207 10.25 1.74 3.84
CA PRO B 207 10.00 2.88 2.94
C PRO B 207 8.95 2.54 1.90
N ALA B 208 8.19 3.55 1.47
CA ALA B 208 7.03 3.28 0.64
C ALA B 208 7.42 2.86 -0.77
N SER B 209 6.88 1.71 -1.16
CA SER B 209 6.78 1.33 -2.57
C SER B 209 5.68 2.17 -3.21
N SER B 210 5.39 2.02 -4.52
CA SER B 210 4.18 2.59 -5.10
C SER B 210 2.96 2.05 -4.34
N MET B 211 2.95 0.75 -4.09
N MET B 211 2.97 0.76 -4.07
CA MET B 211 1.86 0.06 -3.42
CA MET B 211 1.90 0.13 -3.35
C MET B 211 2.45 -1.02 -2.52
C MET B 211 2.50 -0.96 -2.50
N ASP B 212 2.11 -0.99 -1.24
CA ASP B 212 2.59 -1.96 -0.26
C ASP B 212 1.39 -2.66 0.38
N VAL B 213 1.47 -3.99 0.43
CA VAL B 213 0.42 -4.85 0.98
C VAL B 213 1.07 -5.73 2.02
N GLY B 214 0.82 -5.45 3.31
CA GLY B 214 1.39 -6.21 4.40
C GLY B 214 0.42 -7.24 4.93
N PHE B 215 0.93 -8.40 5.27
CA PHE B 215 0.07 -9.46 5.80
C PHE B 215 0.47 -9.74 7.24
N ALA B 216 -0.55 -10.15 7.99
CA ALA B 216 -0.33 -10.62 9.37
C ALA B 216 0.45 -11.93 9.39
N ASN B 217 1.11 -12.20 10.52
CA ASN B 217 1.71 -13.50 10.76
C ASN B 217 0.69 -14.61 10.59
N GLN B 218 1.13 -15.72 10.00
CA GLN B 218 0.35 -16.93 9.75
C GLN B 218 -0.77 -16.70 8.76
N THR B 219 -0.69 -15.66 7.95
CA THR B 219 -1.64 -15.55 6.84
C THR B 219 -1.54 -16.83 6.01
N GLY B 220 -2.70 -17.33 5.55
CA GLY B 220 -2.81 -18.55 4.78
C GLY B 220 -3.14 -18.32 3.33
N ASP B 221 -3.35 -19.43 2.64
CA ASP B 221 -3.39 -19.50 1.20
C ASP B 221 -4.44 -18.58 0.61
N GLU B 222 -5.68 -18.67 1.08
CA GLU B 222 -6.78 -17.96 0.45
CA GLU B 222 -6.79 -17.96 0.46
C GLU B 222 -6.67 -16.45 0.60
N GLU B 223 -6.30 -15.99 1.78
CA GLU B 223 -6.12 -14.55 1.96
C GLU B 223 -4.99 -14.04 1.08
N PHE B 224 -3.86 -14.80 1.02
CA PHE B 224 -2.72 -14.38 0.22
C PHE B 224 -3.11 -14.38 -1.25
N LEU B 225 -3.66 -15.48 -1.75
CA LEU B 225 -3.90 -15.57 -3.19
C LEU B 225 -5.00 -14.63 -3.68
N SER B 226 -6.09 -14.55 -2.91
CA SER B 226 -7.14 -13.63 -3.32
C SER B 226 -6.61 -12.19 -3.47
N THR B 227 -5.80 -11.78 -2.51
CA THR B 227 -5.20 -10.44 -2.50
C THR B 227 -4.17 -10.29 -3.62
N PHE B 228 -3.28 -11.28 -3.82
CA PHE B 228 -2.28 -11.20 -4.87
C PHE B 228 -2.94 -11.11 -6.22
N ILE B 229 -3.91 -12.00 -6.50
CA ILE B 229 -4.55 -11.98 -7.80
C ILE B 229 -5.15 -10.62 -8.07
N GLN B 230 -5.99 -10.12 -7.14
CA GLN B 230 -6.73 -8.90 -7.42
C GLN B 230 -5.82 -7.67 -7.49
N VAL B 231 -4.87 -7.59 -6.56
CA VAL B 231 -3.98 -6.44 -6.59
C VAL B 231 -3.10 -6.47 -7.85
N VAL B 232 -2.55 -7.62 -8.21
CA VAL B 232 -1.66 -7.73 -9.36
C VAL B 232 -2.42 -7.44 -10.65
N GLU B 233 -3.64 -7.97 -10.81
CA GLU B 233 -4.39 -7.69 -12.02
C GLU B 233 -4.67 -6.20 -12.18
N MET B 234 -5.04 -5.56 -11.05
CA MET B 234 -5.27 -4.14 -11.05
C MET B 234 -4.02 -3.37 -11.44
N ALA B 235 -2.88 -3.75 -10.85
CA ALA B 235 -1.63 -3.02 -11.11
C ALA B 235 -1.25 -3.11 -12.57
N VAL B 236 -1.44 -4.29 -13.16
CA VAL B 236 -1.11 -4.47 -14.57
C VAL B 236 -2.03 -3.62 -15.45
N ASN B 237 -3.35 -3.57 -15.14
CA ASN B 237 -4.30 -2.82 -15.92
CA ASN B 237 -4.29 -2.82 -15.94
C ASN B 237 -4.04 -1.31 -15.75
N LEU B 238 -3.67 -0.90 -14.54
CA LEU B 238 -3.49 0.53 -14.24
C LEU B 238 -2.24 1.07 -14.97
N HIS B 239 -1.16 0.30 -14.94
CA HIS B 239 0.12 0.81 -15.44
C HIS B 239 0.44 0.36 -16.86
N ARG B 240 -0.20 -0.68 -17.38
CA ARG B 240 0.09 -1.18 -18.71
C ARG B 240 1.60 -1.22 -18.95
N PRO B 241 2.37 -1.92 -18.09
CA PRO B 241 3.83 -1.91 -18.23
C PRO B 241 4.26 -2.63 -19.51
N ASP B 242 5.43 -2.22 -20.00
CA ASP B 242 6.05 -2.86 -21.14
C ASP B 242 6.88 -4.06 -20.69
N LEU B 243 7.18 -4.15 -19.40
CA LEU B 243 7.94 -5.25 -18.83
C LEU B 243 7.52 -5.41 -17.39
N ILE B 244 7.32 -6.66 -16.95
CA ILE B 244 7.15 -7.00 -15.55
C ILE B 244 8.44 -7.67 -15.06
N LEU B 245 8.95 -7.24 -13.92
CA LEU B 245 9.97 -7.96 -13.19
C LEU B 245 9.30 -8.60 -12.01
N TYR B 246 9.32 -9.92 -11.93
CA TYR B 246 8.55 -10.66 -10.96
C TYR B 246 9.54 -11.37 -10.02
N ASP B 247 9.48 -11.06 -8.72
CA ASP B 247 10.25 -11.74 -7.69
C ASP B 247 9.38 -12.80 -7.03
N ALA B 248 9.69 -14.06 -7.36
CA ALA B 248 8.92 -15.24 -6.96
C ALA B 248 9.52 -15.91 -5.72
N GLY B 249 10.03 -15.13 -4.79
CA GLY B 249 10.62 -15.68 -3.59
C GLY B 249 9.69 -16.64 -2.88
N VAL B 250 10.26 -17.74 -2.36
CA VAL B 250 9.51 -18.81 -1.74
C VAL B 250 9.56 -18.77 -0.22
N ASP B 251 10.09 -17.66 0.35
CA ASP B 251 10.15 -17.51 1.79
C ASP B 251 8.76 -17.17 2.38
N ILE B 252 7.72 -17.10 1.55
CA ILE B 252 6.35 -17.09 2.04
C ILE B 252 5.93 -18.48 2.55
N HIS B 253 6.64 -19.54 2.15
CA HIS B 253 6.20 -20.89 2.45
C HIS B 253 6.05 -21.13 3.95
N ASN B 254 5.08 -21.97 4.29
CA ASN B 254 4.79 -22.35 5.66
C ASN B 254 6.04 -22.74 6.41
N ASP B 255 6.95 -23.51 5.78
CA ASP B 255 8.07 -24.06 6.48
C ASP B 255 9.32 -23.21 6.37
N ASP B 256 9.22 -22.03 5.75
CA ASP B 256 10.41 -21.18 5.66
C ASP B 256 10.89 -20.80 7.05
N GLU B 257 12.21 -20.82 7.25
CA GLU B 257 12.75 -20.58 8.57
C GLU B 257 12.78 -19.10 8.95
N LEU B 258 12.69 -18.17 7.99
CA LEU B 258 12.66 -16.73 8.35
C LEU B 258 11.27 -16.17 8.24
N GLY B 259 10.54 -16.48 7.16
CA GLY B 259 9.25 -15.87 6.95
C GLY B 259 8.20 -16.33 7.95
N TYR B 260 7.22 -15.46 8.22
CA TYR B 260 6.20 -15.77 9.20
C TYR B 260 4.85 -16.02 8.57
N LEU B 261 4.78 -16.25 7.26
CA LEU B 261 3.52 -16.60 6.62
C LEU B 261 3.37 -18.12 6.51
N SER B 262 2.15 -18.54 6.19
CA SER B 262 1.76 -19.96 6.23
C SER B 262 1.27 -20.40 4.85
N ILE B 263 2.03 -20.15 3.78
CA ILE B 263 1.59 -20.42 2.43
C ILE B 263 2.07 -21.80 2.00
N SER B 264 1.16 -22.60 1.44
CA SER B 264 1.50 -23.93 0.96
C SER B 264 2.28 -23.92 -0.35
N GLN B 265 2.94 -25.03 -0.65
CA GLN B 265 3.56 -25.23 -1.94
C GLN B 265 2.52 -25.16 -3.07
N ALA B 266 1.33 -25.69 -2.87
CA ALA B 266 0.32 -25.62 -3.88
C ALA B 266 -0.08 -24.16 -4.12
N ALA B 267 -0.11 -23.35 -3.07
CA ALA B 267 -0.44 -21.96 -3.29
C ALA B 267 0.66 -21.18 -3.98
N ILE B 268 1.93 -21.52 -3.72
CA ILE B 268 3.05 -20.95 -4.47
C ILE B 268 2.89 -21.26 -5.97
N ALA B 269 2.50 -22.52 -6.29
CA ALA B 269 2.23 -22.91 -7.66
C ALA B 269 1.13 -22.04 -8.27
N GLN B 270 0.03 -21.84 -7.54
N GLN B 270 0.04 -21.85 -7.52
CA GLN B 270 -1.07 -21.04 -8.09
CA GLN B 270 -1.10 -21.07 -8.02
C GLN B 270 -0.65 -19.57 -8.27
C GLN B 270 -0.70 -19.61 -8.24
N ARG B 271 0.13 -19.05 -7.34
CA ARG B 271 0.64 -17.69 -7.46
C ARG B 271 1.43 -17.54 -8.78
N ASP B 272 2.38 -18.49 -8.99
CA ASP B 272 3.24 -18.43 -10.17
C ASP B 272 2.44 -18.62 -11.44
N ARG B 273 1.50 -19.58 -11.45
CA ARG B 273 0.67 -19.85 -12.64
CA ARG B 273 0.69 -19.84 -12.64
C ARG B 273 -0.18 -18.64 -13.00
N PHE B 274 -0.77 -18.01 -11.99
CA PHE B 274 -1.58 -16.81 -12.23
C PHE B 274 -0.72 -15.69 -12.81
N MET B 275 0.45 -15.45 -12.21
CA MET B 275 1.29 -14.31 -12.62
C MET B 275 1.75 -14.50 -14.09
N LEU B 276 2.28 -15.71 -14.41
CA LEU B 276 2.74 -15.95 -15.78
C LEU B 276 1.58 -15.94 -16.74
N GLY B 277 0.44 -16.50 -16.33
CA GLY B 277 -0.74 -16.55 -17.20
C GLY B 277 -1.27 -15.16 -17.54
N LEU B 278 -1.22 -14.24 -16.57
CA LEU B 278 -1.71 -12.89 -16.78
C LEU B 278 -0.79 -12.20 -17.77
N ALA B 279 0.51 -12.32 -17.56
CA ALA B 279 1.47 -11.67 -18.45
C ALA B 279 1.31 -12.17 -19.90
N LYS B 280 1.11 -13.48 -20.05
CA LYS B 280 0.83 -14.03 -21.38
C LYS B 280 -0.46 -13.46 -21.97
N GLN B 281 -1.56 -13.48 -21.25
N GLN B 281 -1.54 -13.44 -21.18
CA GLN B 281 -2.80 -12.97 -21.81
CA GLN B 281 -2.87 -13.00 -21.61
C GLN B 281 -2.58 -11.55 -22.30
C GLN B 281 -2.82 -11.56 -22.10
N GLU B 282 -1.97 -10.74 -21.46
CA GLU B 282 -1.85 -9.31 -21.79
C GLU B 282 -0.68 -9.01 -22.73
N SER B 283 0.06 -10.03 -23.17
CA SER B 283 1.18 -9.85 -24.07
C SER B 283 2.23 -8.92 -23.47
N ILE B 284 2.55 -9.11 -22.18
CA ILE B 284 3.53 -8.31 -21.50
C ILE B 284 4.72 -9.21 -21.17
N PRO B 285 5.94 -8.90 -21.65
CA PRO B 285 7.15 -9.63 -21.27
C PRO B 285 7.32 -9.68 -19.77
N ILE B 286 7.70 -10.86 -19.29
CA ILE B 286 7.90 -11.04 -17.86
C ILE B 286 9.25 -11.71 -17.62
N ALA B 287 10.08 -11.04 -16.86
CA ALA B 287 11.39 -11.49 -16.40
C ALA B 287 11.28 -11.85 -14.93
N CYS B 288 11.55 -13.11 -14.59
CA CYS B 288 11.34 -13.61 -13.24
C CYS B 288 12.66 -13.80 -12.55
N VAL B 289 12.71 -13.59 -11.24
CA VAL B 289 13.82 -13.98 -10.39
C VAL B 289 13.27 -14.88 -9.29
N ILE B 290 14.10 -15.82 -8.82
CA ILE B 290 13.58 -16.75 -7.83
C ILE B 290 13.58 -16.21 -6.41
N GLY B 291 14.37 -15.19 -6.10
CA GLY B 291 14.32 -14.53 -4.83
C GLY B 291 14.71 -15.41 -3.67
N GLY B 292 14.13 -15.17 -2.50
CA GLY B 292 14.57 -15.74 -1.25
C GLY B 292 13.93 -17.10 -0.95
N GLY B 293 14.18 -17.55 0.26
CA GLY B 293 13.86 -18.88 0.75
C GLY B 293 14.94 -19.31 1.74
N TYR B 294 14.54 -19.86 2.86
CA TYR B 294 15.49 -20.13 3.95
C TYR B 294 15.16 -21.48 4.59
N ARG B 295 16.04 -22.48 4.32
CA ARG B 295 15.94 -23.80 4.98
C ARG B 295 17.34 -24.28 5.27
N GLU B 296 17.49 -24.97 6.41
CA GLU B 296 18.79 -25.54 6.78
C GLU B 296 19.33 -26.50 5.73
N ASP B 297 18.41 -27.26 5.16
CA ASP B 297 18.76 -28.15 4.07
C ASP B 297 18.46 -27.39 2.75
N HIS B 298 19.48 -26.96 2.05
CA HIS B 298 19.26 -26.10 0.88
C HIS B 298 18.38 -26.80 -0.15
N ALA B 299 18.51 -28.13 -0.26
CA ALA B 299 17.76 -28.93 -1.21
C ALA B 299 16.25 -28.84 -0.99
N ALA B 300 15.80 -28.51 0.24
CA ALA B 300 14.37 -28.41 0.50
C ALA B 300 13.73 -27.25 -0.26
N LEU B 301 14.54 -26.27 -0.70
CA LEU B 301 14.01 -25.13 -1.47
C LEU B 301 13.75 -25.49 -2.93
N VAL B 302 14.40 -26.55 -3.44
CA VAL B 302 14.31 -26.89 -4.84
C VAL B 302 12.86 -27.17 -5.26
N PRO B 303 12.06 -27.99 -4.59
CA PRO B 303 10.69 -28.24 -5.05
C PRO B 303 9.84 -26.97 -5.08
N LEU B 304 10.12 -26.03 -4.19
CA LEU B 304 9.35 -24.77 -4.12
C LEU B 304 9.67 -23.90 -5.33
N HIS B 305 10.97 -23.69 -5.62
CA HIS B 305 11.35 -22.91 -6.77
C HIS B 305 10.93 -23.60 -8.06
N LEU B 306 10.94 -24.94 -8.09
CA LEU B 306 10.59 -25.67 -9.29
C LEU B 306 9.14 -25.39 -9.70
N GLU B 307 8.30 -24.94 -8.79
CA GLU B 307 6.92 -24.60 -9.12
C GLU B 307 6.87 -23.49 -10.16
N LEU B 308 7.84 -22.55 -10.11
CA LEU B 308 7.87 -21.46 -11.07
C LEU B 308 8.09 -22.00 -12.49
N LEU B 309 8.96 -23.01 -12.66
N LEU B 309 9.03 -22.96 -12.61
CA LEU B 309 9.17 -23.59 -13.99
CA LEU B 309 9.30 -23.67 -13.86
C LEU B 309 7.95 -24.41 -14.41
C LEU B 309 8.04 -24.38 -14.35
N LYS B 310 7.39 -25.15 -13.48
CA LYS B 310 6.20 -25.89 -13.84
C LYS B 310 5.09 -24.98 -14.32
N ALA B 311 4.96 -23.83 -13.64
CA ALA B 311 3.98 -22.80 -14.03
C ALA B 311 4.25 -22.30 -15.42
N ALA B 312 5.52 -22.01 -15.75
CA ALA B 312 5.90 -21.52 -17.07
C ALA B 312 5.59 -22.57 -18.13
N LEU B 313 5.84 -23.86 -17.86
CA LEU B 313 5.64 -24.87 -18.88
C LEU B 313 4.15 -24.95 -19.14
N LEU B 314 3.34 -24.96 -18.09
N LEU B 314 3.33 -24.90 -18.09
CA LEU B 314 1.89 -25.02 -18.25
CA LEU B 314 1.88 -25.02 -18.21
C LEU B 314 1.42 -23.83 -19.09
C LEU B 314 1.26 -23.82 -18.91
N SER B 315 1.82 -22.63 -18.64
CA SER B 315 1.34 -21.39 -19.23
C SER B 315 1.60 -21.41 -20.72
N ALA B 316 2.75 -21.97 -21.12
CA ALA B 316 3.18 -22.05 -22.50
C ALA B 316 2.36 -23.08 -23.30
N GLY B 317 1.65 -23.98 -22.62
CA GLY B 317 0.79 -24.98 -23.27
C GLY B 317 1.37 -26.40 -23.30
N TYR B 318 2.33 -26.75 -22.42
CA TYR B 318 2.63 -28.14 -22.11
C TYR B 318 2.07 -28.45 -20.71
#